data_8WSR
#
_entry.id   8WSR
#
_cell.length_a   1.00
_cell.length_b   1.00
_cell.length_c   1.00
_cell.angle_alpha   90.00
_cell.angle_beta   90.00
_cell.angle_gamma   90.00
#
_symmetry.space_group_name_H-M   'P 1'
#
loop_
_entity.id
_entity.type
_entity.pdbx_description
1 polymer 'Spike protein S1'
2 polymer 'Angiotensin-converting enzyme 2'
3 branched 2-acetamido-2-deoxy-beta-D-glucopyranose-(1-4)-2-acetamido-2-deoxy-beta-D-glucopyranose
4 non-polymer 2-acetamido-2-deoxy-beta-D-glucopyranose
5 non-polymer 'ZINC ION'
#
loop_
_entity_poly.entity_id
_entity_poly.type
_entity_poly.pdbx_seq_one_letter_code
_entity_poly.pdbx_strand_id
1 'polypeptide(L)'
;RVVPSRDVVRFPNITNLCPFGEVFNATKFPSVYAWERKRISNCVADYSVLYNSTSFSTFKCYGVSATKLNDLCFSNVYAD
SFVVKGDDVRQIAPGQTGVIADYNYKLPDDFLGCVLAWNTNSKDSSIAGNYNYLYRWVRRSKLNPYERDLSNDIYSPGGQ
SCSAVGPNCYNPLRPYGFFTTAGVGHQPYRVVVLSFELLNAPATVCGPKLSTDLIKNQCVNF
;
C
2 'polypeptide(L)'
;MSSSSWLLLSLVAVTAAQSTIEEQAKTFLDKFNHEAEDLFYQSSLASWNYNTNITEENVQNMNNAGDKWSAFLKEQSTLA
QMYPLQEIQNLTVKLQLQALQQNGSSVLSEDKSKRLNTILNTMSTIYSTGKVCNPDNPQECLLLEPGLNEIMANSLDYNE
RLWAWESWRSEVGKQLRPLYEEYVVLKNEMARANHYEDYGDYWRGDYEVNGVDGYDYSRGQLIEDVEHTFEEIKPLYEHL
HAYVRAKLMNAYPSYISPIGCLPAHLLGDMWGRFWTNLYSLTVPFGQKPNIDVTDAMVDQAWDAQRIFKEAEKFFVSVGL
PNMTQGFWENSMLTDPGNVQKAVCHPTAWDLGKGDFRILMCTKVTMDDFLTAHHEMGHIQYDMAYAAQPFLLRNGANEGF
HEAVGEIMSLSAATPKHLKSIGLLSPDFQEDNETEINFLLKQALTIVGTLPFTYMLEKWRWMVFKGEIPKDQWMKKWWEM
KREIVGVVEPVPHDETYCDPASLFHVSNDYSFIRYYTRTLYQFQFQEALCQAAKHEGPLHKCDISNSTEAGQKLFNMLRL
GKSEPWTLALENVVGAKNMNVRPLLNYFEPLFTWLKDQNKNSFVGWSTDWSPYADQSIKVRISLKSALGDKAYEWNDNEM
YLFRSSVAYAMRQYFLKVKNQMILFGEEDVRVANLKPRISFNFFVTAPKNVSDIIPRTEVEKAIRMSRSRINDAFRLNDN
SLEFLGIQPTLGPPNQPPVSIWLIVFGVVMGVIVVGIVILIFTGIRDRKKKNKARSGENPYASIDISKGENNPGFQNTDD
VQTSF
;
A
#
loop_
_chem_comp.id
_chem_comp.type
_chem_comp.name
_chem_comp.formula
NAG D-saccharide, beta linking 2-acetamido-2-deoxy-beta-D-glucopyranose 'C8 H15 N O6'
ZN non-polymer 'ZINC ION' 'Zn 2'
#
# COMPACT_ATOMS: atom_id res chain seq x y z
N ASN A 16 35.73 49.33 4.32
CA ASN A 16 34.47 48.99 4.97
C ASN A 16 34.02 47.61 4.49
N LEU A 17 33.67 46.75 5.43
CA LEU A 17 33.17 45.43 5.10
C LEU A 17 31.71 45.48 4.68
N CYS A 18 31.27 44.45 3.97
CA CYS A 18 29.90 44.39 3.51
C CYS A 18 28.97 43.87 4.60
N PRO A 19 27.68 44.25 4.56
CA PRO A 19 26.70 43.75 5.54
C PRO A 19 26.24 42.32 5.25
N PHE A 20 27.21 41.44 4.96
CA PHE A 20 26.89 40.04 4.73
C PHE A 20 26.45 39.37 6.04
N GLY A 21 27.02 39.78 7.16
CA GLY A 21 26.63 39.29 8.46
C GLY A 21 25.39 39.92 9.04
N GLU A 22 24.77 40.87 8.33
CA GLU A 22 23.53 41.49 8.77
C GLU A 22 22.33 41.03 7.96
N VAL A 23 22.52 40.71 6.68
CA VAL A 23 21.41 40.24 5.85
C VAL A 23 21.28 38.73 5.94
N PHE A 24 22.41 38.02 5.90
CA PHE A 24 22.39 36.56 5.91
C PHE A 24 22.36 35.95 7.30
N ASN A 25 22.62 36.74 8.34
CA ASN A 25 22.60 36.26 9.72
C ASN A 25 21.43 36.83 10.51
N ALA A 26 20.33 37.16 9.81
CA ALA A 26 19.19 37.78 10.46
C ALA A 26 18.47 36.80 11.37
N THR A 27 17.80 37.34 12.37
CA THR A 27 17.05 36.51 13.31
C THR A 27 15.78 35.95 12.67
N LYS A 28 15.03 36.78 11.94
CA LYS A 28 13.77 36.38 11.34
C LYS A 28 13.74 36.80 9.88
N PHE A 29 13.22 35.91 9.02
CA PHE A 29 13.01 36.17 7.61
C PHE A 29 11.52 36.33 7.31
N PRO A 30 11.17 37.16 6.33
CA PRO A 30 9.76 37.44 6.06
C PRO A 30 9.13 36.34 5.21
N SER A 31 7.80 36.40 5.12
CA SER A 31 7.07 35.49 4.26
C SER A 31 7.26 35.87 2.80
N VAL A 32 7.00 34.90 1.92
CA VAL A 32 7.25 35.11 0.49
C VAL A 32 6.32 36.17 -0.08
N TYR A 33 5.07 36.21 0.38
CA TYR A 33 4.11 37.17 -0.16
C TYR A 33 4.38 38.59 0.32
N ALA A 34 5.20 38.76 1.35
CA ALA A 34 5.54 40.08 1.86
C ALA A 34 7.04 40.25 1.88
N TRP A 35 7.71 39.87 0.79
CA TRP A 35 9.15 39.84 0.75
C TRP A 35 9.74 41.24 0.93
N GLU A 36 10.91 41.30 1.57
CA GLU A 36 11.58 42.57 1.83
C GLU A 36 12.79 42.74 0.94
N ARG A 37 12.93 43.97 0.43
CA ARG A 37 14.03 44.38 -0.43
C ARG A 37 14.86 45.44 0.29
N LYS A 38 16.18 45.30 0.23
CA LYS A 38 17.09 46.21 0.90
C LYS A 38 18.10 46.74 -0.11
N ARG A 39 18.55 47.97 0.13
CA ARG A 39 19.48 48.66 -0.74
C ARG A 39 20.87 48.68 -0.10
N ILE A 40 21.89 48.38 -0.90
CA ILE A 40 23.26 48.28 -0.42
C ILE A 40 24.00 49.56 -0.81
N SER A 41 24.71 50.14 0.15
CA SER A 41 25.49 51.35 -0.04
C SER A 41 26.89 50.97 -0.53
N ASN A 42 27.82 51.92 -0.52
CA ASN A 42 29.19 51.68 -0.95
C ASN A 42 29.81 50.53 -0.17
N CYS A 43 30.39 49.57 -0.89
CA CYS A 43 30.83 48.34 -0.24
C CYS A 43 31.94 47.68 -1.06
N VAL A 44 32.77 46.92 -0.34
CA VAL A 44 33.78 46.04 -0.94
C VAL A 44 33.30 44.61 -0.72
N ALA A 45 32.99 43.92 -1.81
CA ALA A 45 32.36 42.60 -1.75
C ALA A 45 33.39 41.56 -1.34
N ASP A 46 33.45 41.29 -0.04
CA ASP A 46 34.35 40.28 0.52
C ASP A 46 33.50 39.10 0.99
N TYR A 47 33.26 38.15 0.08
CA TYR A 47 32.43 36.99 0.38
C TYR A 47 33.14 35.96 1.26
N SER A 48 34.47 36.03 1.36
CA SER A 48 35.25 35.00 2.02
C SER A 48 34.98 34.88 3.52
N VAL A 49 34.30 35.85 4.12
CA VAL A 49 33.98 35.81 5.54
C VAL A 49 32.71 35.01 5.75
N LEU A 50 32.14 34.47 4.67
CA LEU A 50 30.92 33.67 4.73
C LEU A 50 31.17 32.19 4.45
N TYR A 51 32.41 31.78 4.20
CA TYR A 51 32.65 30.42 3.74
C TYR A 51 32.78 29.45 4.91
N ASN A 52 33.45 29.85 5.98
CA ASN A 52 33.72 28.97 7.10
C ASN A 52 32.52 28.78 8.02
N SER A 53 31.36 29.34 7.68
CA SER A 53 30.18 29.23 8.53
C SER A 53 29.02 28.52 7.87
N THR A 54 28.75 28.78 6.60
CA THR A 54 27.60 28.21 5.90
C THR A 54 28.04 27.67 4.55
N SER A 55 27.23 26.75 4.03
CA SER A 55 27.41 26.22 2.68
C SER A 55 26.07 26.32 1.95
N PHE A 56 26.12 26.69 0.68
CA PHE A 56 24.93 27.01 -0.10
C PHE A 56 24.53 25.79 -0.92
N SER A 57 23.29 25.34 -0.75
CA SER A 57 22.80 24.21 -1.54
C SER A 57 22.50 24.63 -2.97
N THR A 58 22.14 25.89 -3.18
CA THR A 58 21.89 26.40 -4.52
C THR A 58 22.57 27.75 -4.68
N PHE A 59 23.37 27.90 -5.73
CA PHE A 59 24.04 29.15 -6.04
C PHE A 59 24.05 29.25 -7.55
N LYS A 60 23.24 30.13 -8.12
CA LYS A 60 23.15 30.21 -9.57
C LYS A 60 23.01 31.66 -10.02
N CYS A 61 23.83 32.07 -10.98
CA CYS A 61 23.85 33.43 -11.47
C CYS A 61 23.45 33.46 -12.94
N TYR A 62 22.63 34.44 -13.30
CA TYR A 62 22.19 34.63 -14.67
C TYR A 62 22.66 35.99 -15.16
N GLY A 63 23.32 36.00 -16.32
CA GLY A 63 23.87 37.20 -16.90
C GLY A 63 25.33 37.45 -16.62
N VAL A 64 25.90 36.77 -15.63
CA VAL A 64 27.30 36.96 -15.26
C VAL A 64 27.80 35.69 -14.58
N SER A 65 29.08 35.38 -14.81
CA SER A 65 29.73 34.25 -14.16
C SER A 65 29.99 34.56 -12.68
N ALA A 66 29.86 33.53 -11.85
CA ALA A 66 30.05 33.71 -10.42
C ALA A 66 31.48 34.05 -10.04
N THR A 67 32.45 33.59 -10.81
CA THR A 67 33.86 33.81 -10.52
C THR A 67 34.36 35.17 -11.01
N LYS A 68 33.54 35.91 -11.76
CA LYS A 68 33.92 37.20 -12.28
C LYS A 68 33.48 38.37 -11.41
N LEU A 69 32.89 38.10 -10.25
CA LEU A 69 32.44 39.17 -9.38
C LEU A 69 33.59 39.99 -8.80
N ASN A 70 34.81 39.45 -8.83
CA ASN A 70 35.97 40.14 -8.31
C ASN A 70 36.46 41.27 -9.20
N ASP A 71 35.99 41.35 -10.44
CA ASP A 71 36.47 42.35 -11.39
C ASP A 71 35.32 43.21 -11.95
N LEU A 72 34.23 43.34 -11.21
CA LEU A 72 33.07 44.10 -11.66
C LEU A 72 32.58 45.03 -10.55
N CYS A 73 32.06 46.17 -10.98
CA CYS A 73 31.46 47.16 -10.09
C CYS A 73 30.08 47.52 -10.61
N PHE A 74 29.10 47.55 -9.70
CA PHE A 74 27.70 47.67 -10.08
C PHE A 74 27.16 49.05 -9.74
N SER A 75 26.30 49.58 -10.62
CA SER A 75 25.68 50.89 -10.41
C SER A 75 24.74 50.92 -9.22
N ASN A 76 23.88 49.90 -9.09
CA ASN A 76 22.96 49.81 -7.98
C ASN A 76 22.71 48.35 -7.66
N VAL A 77 22.62 48.02 -6.37
CA VAL A 77 22.48 46.65 -5.91
C VAL A 77 21.30 46.57 -4.95
N TYR A 78 20.48 45.55 -5.12
CA TYR A 78 19.34 45.28 -4.26
C TYR A 78 19.38 43.83 -3.81
N ALA A 79 18.94 43.58 -2.57
CA ALA A 79 18.88 42.24 -2.01
C ALA A 79 17.46 41.97 -1.54
N ASP A 80 16.84 40.93 -2.09
CA ASP A 80 15.48 40.54 -1.72
C ASP A 80 15.57 39.22 -0.94
N SER A 81 14.84 39.14 0.17
CA SER A 81 14.92 37.96 1.04
C SER A 81 13.56 37.33 1.25
N PHE A 82 13.50 36.00 1.19
CA PHE A 82 12.28 35.29 1.58
C PHE A 82 12.63 33.83 1.87
N VAL A 83 11.59 33.04 2.16
CA VAL A 83 11.74 31.63 2.52
C VAL A 83 10.67 30.82 1.81
N VAL A 84 11.09 29.73 1.16
CA VAL A 84 10.22 28.90 0.33
C VAL A 84 10.48 27.44 0.65
N LYS A 85 9.55 26.58 0.24
CA LYS A 85 9.69 25.13 0.34
C LYS A 85 10.85 24.64 -0.52
N GLY A 86 11.23 23.38 -0.31
CA GLY A 86 12.39 22.85 -1.01
C GLY A 86 12.16 22.62 -2.49
N ASP A 87 11.05 21.98 -2.84
CA ASP A 87 10.77 21.69 -4.24
C ASP A 87 10.44 22.91 -5.06
N ASP A 88 10.07 24.02 -4.43
CA ASP A 88 9.71 25.24 -5.14
C ASP A 88 10.89 26.18 -5.36
N VAL A 89 12.08 25.81 -4.90
CA VAL A 89 13.26 26.64 -5.11
C VAL A 89 13.57 26.79 -6.59
N ARG A 90 13.34 25.74 -7.37
CA ARG A 90 13.58 25.76 -8.81
C ARG A 90 12.74 26.81 -9.54
N GLN A 91 11.66 27.28 -8.94
CA GLN A 91 10.78 28.23 -9.59
C GLN A 91 11.33 29.65 -9.60
N ILE A 92 12.42 29.91 -8.88
CA ILE A 92 13.04 31.24 -8.85
C ILE A 92 14.04 31.26 -10.01
N ALA A 93 13.52 31.54 -11.19
CA ALA A 93 14.31 31.55 -12.42
C ALA A 93 13.57 32.38 -13.46
N PRO A 94 14.28 32.86 -14.50
CA PRO A 94 13.64 33.76 -15.47
C PRO A 94 12.38 33.21 -16.11
N GLY A 95 12.46 32.05 -16.74
CA GLY A 95 11.36 31.56 -17.55
C GLY A 95 10.57 30.41 -16.98
N GLN A 96 10.26 30.47 -15.69
CA GLN A 96 9.51 29.41 -15.03
C GLN A 96 8.08 29.83 -14.77
N THR A 97 7.21 28.84 -14.63
CA THR A 97 5.81 29.06 -14.31
C THR A 97 5.39 28.12 -13.18
N GLY A 98 4.41 28.57 -12.40
CA GLY A 98 4.00 27.87 -11.20
C GLY A 98 3.36 28.80 -10.20
N VAL A 99 3.02 28.29 -9.02
CA VAL A 99 2.31 29.11 -8.04
C VAL A 99 3.16 30.29 -7.59
N ILE A 100 4.40 30.01 -7.18
CA ILE A 100 5.27 31.07 -6.66
C ILE A 100 5.61 32.08 -7.76
N ALA A 101 5.90 31.58 -8.96
CA ALA A 101 6.31 32.45 -10.05
C ALA A 101 5.19 33.34 -10.55
N ASP A 102 3.93 32.89 -10.43
CA ASP A 102 2.82 33.66 -10.96
C ASP A 102 2.16 34.55 -9.91
N TYR A 103 1.99 34.07 -8.68
CA TYR A 103 1.19 34.77 -7.70
C TYR A 103 1.97 35.43 -6.58
N ASN A 104 3.23 35.06 -6.35
CA ASN A 104 3.98 35.60 -5.22
C ASN A 104 5.21 36.39 -5.63
N TYR A 105 6.09 35.83 -6.46
CA TYR A 105 7.34 36.50 -6.81
C TYR A 105 7.70 36.15 -8.25
N LYS A 106 7.75 37.17 -9.11
CA LYS A 106 8.03 36.98 -10.53
C LYS A 106 9.29 37.73 -10.92
N LEU A 107 10.14 37.08 -11.71
CA LEU A 107 11.40 37.61 -12.18
C LEU A 107 11.35 37.85 -13.68
N PRO A 108 11.89 38.97 -14.15
CA PRO A 108 11.87 39.25 -15.60
C PRO A 108 12.79 38.33 -16.38
N ASP A 109 12.56 38.23 -17.69
CA ASP A 109 13.35 37.36 -18.55
C ASP A 109 14.77 37.87 -18.73
N ASP A 110 14.95 39.18 -18.90
CA ASP A 110 16.26 39.78 -19.05
C ASP A 110 16.77 40.15 -17.66
N PHE A 111 17.31 39.15 -16.96
CA PHE A 111 17.68 39.29 -15.55
C PHE A 111 19.18 39.14 -15.41
N LEU A 112 19.81 40.14 -14.80
CA LEU A 112 21.24 40.10 -14.48
C LEU A 112 21.38 40.09 -12.96
N GLY A 113 21.72 38.93 -12.40
CA GLY A 113 21.82 38.83 -10.96
C GLY A 113 22.16 37.41 -10.53
N CYS A 114 21.98 37.16 -9.23
CA CYS A 114 22.33 35.87 -8.66
C CYS A 114 21.28 35.45 -7.63
N VAL A 115 21.16 34.14 -7.45
CA VAL A 115 20.19 33.54 -6.54
C VAL A 115 20.94 32.57 -5.63
N LEU A 116 20.74 32.72 -4.32
CA LEU A 116 21.38 31.86 -3.33
C LEU A 116 20.32 31.27 -2.41
N ALA A 117 20.38 29.96 -2.20
CA ALA A 117 19.38 29.25 -1.41
C ALA A 117 20.07 28.22 -0.54
N TRP A 118 19.68 28.18 0.73
CA TRP A 118 20.30 27.25 1.67
C TRP A 118 19.28 26.66 2.63
N ASN A 119 19.54 25.43 3.07
CA ASN A 119 18.61 24.70 3.92
C ASN A 119 18.68 25.23 5.35
N THR A 120 17.52 25.36 5.97
CA THR A 120 17.40 25.93 7.32
C THR A 120 16.37 25.11 8.12
N ASN A 121 16.51 23.78 8.05
CA ASN A 121 15.58 22.91 8.76
C ASN A 121 15.76 23.02 10.27
N SER A 122 17.01 23.08 10.74
CA SER A 122 17.32 22.94 12.16
C SER A 122 16.66 24.01 13.03
N LYS A 123 16.32 25.17 12.48
CA LYS A 123 15.73 26.24 13.29
C LYS A 123 14.36 26.70 12.84
N ASP A 124 13.93 26.38 11.62
CA ASP A 124 12.61 26.78 11.14
C ASP A 124 11.61 25.62 11.14
N SER A 125 12.00 24.46 11.63
CA SER A 125 11.10 23.32 11.73
C SER A 125 10.91 22.95 13.20
N SER A 126 9.93 22.08 13.45
CA SER A 126 9.60 21.67 14.81
C SER A 126 8.96 20.30 14.78
N ILE A 127 8.90 19.66 15.94
CA ILE A 127 8.28 18.35 16.08
C ILE A 127 6.78 18.41 15.86
N ALA A 128 6.11 19.46 16.32
CA ALA A 128 4.67 19.62 16.14
C ALA A 128 4.28 20.40 14.90
N GLY A 129 5.19 21.20 14.33
CA GLY A 129 4.88 21.92 13.12
C GLY A 129 4.93 23.43 13.26
N ASN A 130 5.60 24.09 12.33
CA ASN A 130 5.63 25.55 12.28
C ASN A 130 4.66 26.04 11.22
N TYR A 131 3.83 27.02 11.58
CA TYR A 131 2.84 27.58 10.68
C TYR A 131 2.93 29.10 10.64
N ASN A 132 4.15 29.64 10.57
CA ASN A 132 4.37 31.08 10.60
C ASN A 132 4.74 31.65 9.24
N TYR A 133 4.62 30.86 8.18
CA TYR A 133 4.99 31.30 6.84
C TYR A 133 3.81 31.07 5.91
N LEU A 134 3.39 32.13 5.21
CA LEU A 134 2.17 32.14 4.42
C LEU A 134 2.52 32.36 2.95
N TYR A 135 1.63 31.89 2.07
CA TYR A 135 1.76 32.19 0.65
C TYR A 135 0.38 32.22 0.00
N ARG A 136 0.31 32.89 -1.15
CA ARG A 136 -0.94 33.07 -1.87
C ARG A 136 -1.11 31.96 -2.90
N TRP A 137 -2.32 31.41 -2.99
CA TRP A 137 -2.59 30.30 -3.90
C TRP A 137 -3.62 30.60 -4.96
N VAL A 138 -4.36 31.70 -4.85
CA VAL A 138 -5.33 32.09 -5.86
C VAL A 138 -5.24 33.59 -6.10
N ARG A 139 -5.22 33.99 -7.36
CA ARG A 139 -5.24 35.40 -7.71
C ARG A 139 -5.87 35.54 -9.08
N ARG A 140 -6.52 36.68 -9.33
CA ARG A 140 -7.24 36.91 -10.57
C ARG A 140 -6.34 36.92 -11.80
N SER A 141 -5.18 37.56 -11.73
CA SER A 141 -4.30 37.67 -12.89
C SER A 141 -2.86 37.49 -12.45
N LYS A 142 -2.02 37.08 -13.41
CA LYS A 142 -0.61 36.86 -13.12
C LYS A 142 0.09 38.17 -12.85
N LEU A 143 1.17 38.08 -12.09
CA LEU A 143 1.88 39.25 -11.60
C LEU A 143 2.83 39.79 -12.67
N ASN A 144 3.23 41.04 -12.48
CA ASN A 144 4.29 41.67 -13.24
C ASN A 144 5.61 41.53 -12.51
N PRO A 145 6.73 41.64 -13.21
CA PRO A 145 8.04 41.53 -12.55
C PRO A 145 8.20 42.58 -11.45
N TYR A 146 8.81 42.18 -10.35
CA TYR A 146 9.13 43.05 -9.22
C TYR A 146 7.92 43.74 -8.63
N GLU A 147 6.81 43.02 -8.44
CA GLU A 147 5.62 43.56 -7.83
C GLU A 147 5.27 42.82 -6.55
N ARG A 148 4.59 43.52 -5.64
CA ARG A 148 4.16 42.96 -4.38
C ARG A 148 2.68 43.22 -4.19
N ASP A 149 1.96 42.24 -3.65
CA ASP A 149 0.53 42.36 -3.39
C ASP A 149 0.26 42.01 -1.95
N LEU A 150 -0.51 42.86 -1.26
CA LEU A 150 -0.81 42.71 0.16
C LEU A 150 -2.30 42.81 0.41
N SER A 151 -3.11 42.19 -0.45
CA SER A 151 -4.56 42.24 -0.31
C SER A 151 -5.06 41.12 0.58
N ASN A 152 -6.27 41.31 1.10
CA ASN A 152 -6.93 40.29 1.91
C ASN A 152 -8.41 40.16 1.53
N ASP A 153 -8.68 40.04 0.23
CA ASP A 153 -10.04 39.90 -0.26
C ASP A 153 -10.55 38.47 -0.09
N ILE A 154 -11.68 38.15 -0.71
CA ILE A 154 -12.26 36.82 -0.54
C ILE A 154 -12.33 35.88 -1.75
N TYR A 155 -11.70 36.24 -2.86
CA TYR A 155 -11.62 35.35 -4.04
C TYR A 155 -12.82 34.62 -4.57
N SER A 156 -13.81 35.35 -5.04
CA SER A 156 -14.91 34.66 -5.69
C SER A 156 -14.31 34.13 -7.01
N PRO A 157 -14.42 32.80 -7.32
CA PRO A 157 -13.75 32.37 -8.56
C PRO A 157 -14.24 33.13 -9.78
N GLY A 158 -15.52 33.02 -10.10
CA GLY A 158 -16.07 33.81 -11.19
C GLY A 158 -16.32 35.12 -10.50
N GLY A 159 -16.19 36.24 -11.19
CA GLY A 159 -16.31 37.50 -10.50
C GLY A 159 -17.71 37.57 -9.95
N GLN A 160 -17.82 37.85 -8.67
CA GLN A 160 -19.10 37.87 -8.01
C GLN A 160 -18.82 38.52 -6.69
N SER A 161 -19.86 38.84 -5.94
CA SER A 161 -19.66 39.45 -4.66
C SER A 161 -20.08 38.59 -3.50
N CYS A 162 -19.20 38.40 -2.53
CA CYS A 162 -19.56 37.68 -1.32
C CYS A 162 -18.83 38.29 -0.14
N SER A 163 -19.50 38.33 1.01
CA SER A 163 -18.97 38.96 2.21
C SER A 163 -18.81 37.97 3.36
N ALA A 164 -18.87 36.68 3.08
CA ALA A 164 -18.69 35.67 4.11
C ALA A 164 -17.82 34.56 3.55
N VAL A 165 -17.04 33.94 4.43
CA VAL A 165 -16.15 32.84 4.06
C VAL A 165 -16.97 31.55 4.18
N GLY A 166 -17.48 31.07 3.05
CA GLY A 166 -18.23 29.85 3.02
C GLY A 166 -17.93 29.07 1.76
N PRO A 167 -18.96 28.50 1.14
CA PRO A 167 -18.77 27.83 -0.16
C PRO A 167 -18.22 28.78 -1.22
N ASN A 168 -17.30 28.25 -2.04
CA ASN A 168 -16.63 28.96 -3.14
C ASN A 168 -16.40 30.44 -2.84
N CYS A 169 -15.83 30.75 -1.68
CA CYS A 169 -15.33 32.08 -1.33
C CYS A 169 -14.17 31.85 -0.36
N TYR A 170 -12.95 31.83 -0.89
CA TYR A 170 -11.77 31.39 -0.14
C TYR A 170 -10.81 32.54 0.10
N ASN A 171 -10.30 32.64 1.33
CA ASN A 171 -9.25 33.61 1.61
C ASN A 171 -7.98 33.23 0.87
N PRO A 172 -7.21 34.21 0.37
CA PRO A 172 -6.14 33.91 -0.58
C PRO A 172 -4.87 33.35 0.03
N LEU A 173 -4.67 33.48 1.34
CA LEU A 173 -3.40 33.12 1.97
C LEU A 173 -3.53 31.81 2.75
N ARG A 174 -2.57 30.92 2.54
CA ARG A 174 -2.55 29.65 3.26
C ARG A 174 -1.14 29.43 3.80
N PRO A 175 -1.01 28.74 4.94
CA PRO A 175 0.30 28.56 5.55
C PRO A 175 1.04 27.31 5.08
N TYR A 176 2.37 27.40 5.09
CA TYR A 176 3.21 26.24 4.84
C TYR A 176 3.15 25.29 6.04
N GLY A 177 3.46 24.03 5.76
CA GLY A 177 3.57 23.05 6.83
C GLY A 177 4.97 22.51 6.95
N PHE A 178 5.65 22.83 8.05
CA PHE A 178 7.04 22.46 8.25
C PHE A 178 7.14 21.53 9.45
N PHE A 179 7.60 20.31 9.20
CA PHE A 179 7.87 19.33 10.24
C PHE A 179 9.32 18.87 10.15
N THR A 180 9.90 18.58 11.31
CA THR A 180 11.31 18.20 11.36
C THR A 180 11.58 16.90 10.62
N THR A 181 10.67 15.93 10.75
CA THR A 181 10.85 14.61 10.18
C THR A 181 10.35 14.48 8.75
N ALA A 182 10.14 15.60 8.05
CA ALA A 182 9.67 15.55 6.68
C ALA A 182 10.81 15.26 5.72
N GLY A 183 10.45 14.94 4.48
CA GLY A 183 11.43 14.64 3.47
C GLY A 183 12.08 15.90 2.92
N VAL A 184 13.14 15.69 2.14
CA VAL A 184 13.97 16.79 1.67
C VAL A 184 13.21 17.74 0.75
N GLY A 185 12.10 17.30 0.15
CA GLY A 185 11.32 18.17 -0.69
C GLY A 185 10.35 19.07 0.05
N HIS A 186 10.12 18.81 1.34
CA HIS A 186 9.17 19.58 2.13
C HIS A 186 9.84 20.30 3.30
N GLN A 187 11.13 20.52 3.22
CA GLN A 187 11.95 21.18 4.21
C GLN A 187 12.14 22.65 3.84
N PRO A 188 12.21 23.53 4.83
CA PRO A 188 12.35 24.97 4.53
C PRO A 188 13.70 25.30 3.90
N TYR A 189 13.67 26.29 3.01
CA TYR A 189 14.86 26.83 2.38
C TYR A 189 14.80 28.35 2.41
N ARG A 190 15.90 28.99 2.77
CA ARG A 190 15.98 30.44 2.76
C ARG A 190 16.65 30.89 1.47
N VAL A 191 16.05 31.90 0.83
CA VAL A 191 16.42 32.33 -0.50
C VAL A 191 16.69 33.83 -0.49
N VAL A 192 17.81 34.23 -1.08
CA VAL A 192 18.19 35.62 -1.27
C VAL A 192 18.49 35.85 -2.74
N VAL A 193 17.92 36.91 -3.30
CA VAL A 193 18.12 37.27 -4.70
C VAL A 193 18.90 38.59 -4.71
N LEU A 194 20.07 38.58 -5.34
CA LEU A 194 20.88 39.79 -5.47
C LEU A 194 20.78 40.30 -6.90
N SER A 195 20.23 41.49 -7.07
CA SER A 195 19.99 42.07 -8.39
C SER A 195 20.73 43.38 -8.51
N PHE A 196 21.61 43.49 -9.51
CA PHE A 196 22.39 44.70 -9.71
C PHE A 196 22.21 45.20 -11.13
N GLU A 197 22.36 46.51 -11.28
CA GLU A 197 22.21 47.18 -12.56
C GLU A 197 23.52 47.81 -12.98
N LEU A 198 23.68 47.98 -14.29
CA LEU A 198 24.88 48.59 -14.88
C LEU A 198 24.42 49.76 -15.75
N LEU A 199 24.41 50.95 -15.15
CA LEU A 199 24.00 52.18 -15.82
C LEU A 199 25.15 53.17 -15.83
N ASN A 200 24.91 54.31 -16.47
CA ASN A 200 25.92 55.37 -16.54
C ASN A 200 25.91 56.20 -15.27
N ALA A 201 26.15 55.55 -14.14
CA ALA A 201 26.18 56.17 -12.82
C ALA A 201 27.43 55.75 -12.09
N PRO A 202 27.91 56.53 -11.12
CA PRO A 202 29.09 56.13 -10.36
C PRO A 202 28.87 54.81 -9.64
N ALA A 203 29.92 54.00 -9.61
CA ALA A 203 29.82 52.66 -9.03
C ALA A 203 29.62 52.74 -7.52
N THR A 204 28.95 51.73 -6.99
CA THR A 204 28.66 51.65 -5.56
C THR A 204 29.33 50.47 -4.86
N VAL A 205 29.14 49.26 -5.37
CA VAL A 205 29.71 48.05 -4.79
C VAL A 205 30.81 47.56 -5.72
N CYS A 206 32.01 47.34 -5.16
CA CYS A 206 33.17 46.95 -5.95
C CYS A 206 33.86 45.75 -5.32
N GLY A 207 34.57 45.00 -6.15
CA GLY A 207 35.28 43.83 -5.70
C GLY A 207 36.60 44.17 -5.03
N PRO A 208 37.17 43.21 -4.29
CA PRO A 208 38.44 43.44 -3.61
C PRO A 208 39.62 43.25 -4.57
N SER B 19 -17.59 30.99 -15.77
CA SER B 19 -17.84 30.33 -14.49
C SER B 19 -18.33 28.91 -14.70
N THR B 20 -17.60 28.14 -15.49
CA THR B 20 -17.93 26.74 -15.71
C THR B 20 -17.79 25.96 -14.40
N ILE B 21 -18.61 24.91 -14.27
CA ILE B 21 -18.61 24.12 -13.05
C ILE B 21 -17.23 23.46 -12.99
N GLU B 22 -16.67 23.11 -14.15
CA GLU B 22 -15.35 22.47 -14.15
C GLU B 22 -14.27 23.31 -13.45
N GLU B 23 -14.19 24.58 -13.86
CA GLU B 23 -13.28 25.51 -13.20
C GLU B 23 -13.52 25.80 -11.72
N GLN B 24 -14.77 25.77 -11.28
CA GLN B 24 -15.10 25.90 -9.87
C GLN B 24 -14.66 24.70 -9.06
N ALA B 25 -14.75 23.50 -9.62
CA ALA B 25 -14.36 22.29 -8.92
C ALA B 25 -12.85 22.12 -8.79
N LYS B 26 -12.10 22.67 -9.73
CA LYS B 26 -10.64 22.56 -9.67
C LYS B 26 -10.09 23.19 -8.38
N THR B 27 -10.57 24.39 -8.06
CA THR B 27 -10.09 25.07 -6.85
C THR B 27 -10.49 24.31 -5.59
N PHE B 28 -11.69 23.75 -5.59
CA PHE B 28 -12.14 22.94 -4.45
C PHE B 28 -11.23 21.75 -4.25
N LEU B 29 -10.86 21.08 -5.34
CA LEU B 29 -9.95 19.94 -5.22
C LEU B 29 -8.59 20.37 -4.70
N ASP B 30 -8.09 21.53 -5.14
CA ASP B 30 -6.82 22.03 -4.64
C ASP B 30 -6.87 22.24 -3.12
N LYS B 31 -7.91 22.93 -2.66
CA LYS B 31 -8.12 23.11 -1.22
C LYS B 31 -8.13 21.77 -0.49
N PHE B 32 -8.90 20.81 -1.00
CA PHE B 32 -9.03 19.53 -0.33
C PHE B 32 -7.69 18.82 -0.21
N ASN B 33 -6.91 18.81 -1.29
CA ASN B 33 -5.63 18.13 -1.26
C ASN B 33 -4.71 18.77 -0.21
N HIS B 34 -4.65 20.10 -0.21
CA HIS B 34 -3.73 20.76 0.72
C HIS B 34 -4.11 20.49 2.17
N GLU B 35 -5.39 20.51 2.51
CA GLU B 35 -5.75 20.23 3.90
C GLU B 35 -5.59 18.75 4.27
N ALA B 36 -5.94 17.85 3.35
CA ALA B 36 -5.86 16.43 3.63
C ALA B 36 -4.43 15.99 3.89
N GLU B 37 -3.46 16.59 3.19
CA GLU B 37 -2.06 16.23 3.43
C GLU B 37 -1.71 16.41 4.91
N ASP B 38 -1.97 17.60 5.45
CA ASP B 38 -1.59 17.89 6.82
C ASP B 38 -2.24 17.01 7.90
N LEU B 39 -3.56 16.86 7.83
CA LEU B 39 -4.21 16.04 8.85
C LEU B 39 -3.87 14.54 8.76
N PHE B 40 -3.67 14.05 7.53
CA PHE B 40 -3.30 12.66 7.35
C PHE B 40 -1.92 12.50 7.96
N TYR B 41 -1.05 13.49 7.76
CA TYR B 41 0.29 13.39 8.35
C TYR B 41 0.21 13.37 9.87
N GLN B 42 -0.62 14.24 10.45
CA GLN B 42 -0.75 14.25 11.91
C GLN B 42 -1.30 12.93 12.43
N SER B 43 -2.34 12.41 11.78
CA SER B 43 -2.91 11.14 12.23
C SER B 43 -1.89 10.01 12.14
N SER B 44 -1.12 9.96 11.04
CA SER B 44 -0.13 8.91 10.87
C SER B 44 0.97 9.02 11.91
N LEU B 45 1.39 10.24 12.24
CA LEU B 45 2.42 10.40 13.26
C LEU B 45 1.94 9.89 14.61
N ALA B 46 0.69 10.21 14.98
CA ALA B 46 0.17 9.70 16.24
C ALA B 46 0.09 8.17 16.24
N SER B 47 -0.35 7.57 15.13
CA SER B 47 -0.45 6.12 15.06
C SER B 47 0.92 5.47 15.19
N TRP B 48 1.93 6.06 14.56
CA TRP B 48 3.29 5.56 14.69
C TRP B 48 3.76 5.63 16.14
N ASN B 49 3.49 6.76 16.80
CA ASN B 49 3.88 6.89 18.21
C ASN B 49 3.24 5.81 19.06
N TYR B 50 1.98 5.47 18.78
CA TYR B 50 1.38 4.35 19.50
C TYR B 50 2.11 3.05 19.22
N ASN B 51 2.27 2.71 17.94
CA ASN B 51 2.69 1.35 17.59
C ASN B 51 4.13 1.11 17.98
N THR B 52 4.93 2.17 18.12
CA THR B 52 6.29 2.06 18.61
C THR B 52 6.37 1.96 20.13
N ASN B 53 5.42 2.57 20.85
CA ASN B 53 5.54 2.79 22.29
C ASN B 53 4.13 2.79 22.87
N ILE B 54 3.80 1.78 23.67
CA ILE B 54 2.43 1.54 24.10
C ILE B 54 2.22 2.15 25.48
N THR B 55 1.44 3.23 25.53
CA THR B 55 0.98 3.84 26.77
C THR B 55 -0.47 4.29 26.57
N GLU B 56 -1.15 4.56 27.69
CA GLU B 56 -2.53 5.01 27.61
C GLU B 56 -2.63 6.37 26.92
N GLU B 57 -1.70 7.28 27.22
CA GLU B 57 -1.72 8.60 26.61
C GLU B 57 -1.60 8.52 25.09
N ASN B 58 -0.78 7.58 24.59
CA ASN B 58 -0.66 7.40 23.16
C ASN B 58 -1.98 6.94 22.55
N VAL B 59 -2.71 6.07 23.27
CA VAL B 59 -4.01 5.62 22.78
C VAL B 59 -4.97 6.80 22.68
N GLN B 60 -4.99 7.65 23.71
CA GLN B 60 -5.88 8.83 23.67
C GLN B 60 -5.53 9.75 22.50
N ASN B 61 -4.23 9.99 22.28
CA ASN B 61 -3.83 10.87 21.19
C ASN B 61 -4.22 10.28 19.84
N MET B 62 -4.05 8.96 19.68
CA MET B 62 -4.47 8.30 18.44
C MET B 62 -5.95 8.49 18.20
N ASN B 63 -6.76 8.28 19.25
CA ASN B 63 -8.20 8.40 19.08
C ASN B 63 -8.60 9.81 18.71
N ASN B 64 -7.97 10.81 19.32
CA ASN B 64 -8.26 12.19 18.97
C ASN B 64 -7.95 12.46 17.49
N ALA B 65 -6.76 12.09 17.04
CA ALA B 65 -6.37 12.35 15.66
C ALA B 65 -7.30 11.64 14.69
N GLY B 66 -7.65 10.41 14.99
CA GLY B 66 -8.54 9.67 14.13
C GLY B 66 -9.91 10.31 14.04
N ASP B 67 -10.41 10.79 15.17
CA ASP B 67 -11.69 11.45 15.18
C ASP B 67 -11.72 12.71 14.35
N LYS B 68 -10.66 13.50 14.43
CA LYS B 68 -10.58 14.71 13.65
C LYS B 68 -10.52 14.43 12.15
N TRP B 69 -9.82 13.38 11.76
CA TRP B 69 -9.69 13.06 10.35
C TRP B 69 -10.99 12.53 9.80
N SER B 70 -11.70 11.70 10.56
CA SER B 70 -12.99 11.22 10.08
C SER B 70 -14.01 12.35 9.95
N ALA B 71 -14.05 13.24 10.95
CA ALA B 71 -14.99 14.36 10.89
C ALA B 71 -14.70 15.26 9.70
N PHE B 72 -13.41 15.56 9.46
CA PHE B 72 -13.06 16.40 8.32
C PHE B 72 -13.47 15.76 7.01
N LEU B 73 -13.22 14.45 6.87
CA LEU B 73 -13.58 13.77 5.64
C LEU B 73 -15.08 13.80 5.40
N LYS B 74 -15.87 13.56 6.46
CA LYS B 74 -17.33 13.58 6.30
C LYS B 74 -17.84 14.94 5.88
N GLU B 75 -17.34 16.01 6.52
CA GLU B 75 -17.79 17.35 6.16
C GLU B 75 -17.39 17.69 4.73
N GLN B 76 -16.19 17.28 4.31
CA GLN B 76 -15.76 17.55 2.94
C GLN B 76 -16.65 16.80 1.94
N SER B 77 -17.01 15.55 2.24
CA SER B 77 -17.89 14.81 1.34
C SER B 77 -19.25 15.48 1.23
N THR B 78 -19.80 15.93 2.37
CA THR B 78 -21.09 16.61 2.34
C THR B 78 -21.11 17.86 1.46
N LEU B 79 -20.03 18.62 1.36
CA LEU B 79 -20.02 19.76 0.42
C LEU B 79 -19.69 19.43 -1.03
N ALA B 80 -19.12 18.25 -1.28
CA ALA B 80 -18.72 17.85 -2.63
C ALA B 80 -19.85 17.56 -3.59
N GLN B 81 -21.01 17.18 -3.08
CA GLN B 81 -22.13 16.79 -3.93
C GLN B 81 -22.74 17.93 -4.71
N MET B 82 -22.34 19.15 -4.40
CA MET B 82 -22.82 20.30 -5.14
C MET B 82 -22.38 20.16 -6.57
N TYR B 83 -21.21 19.61 -6.81
CA TYR B 83 -20.69 19.43 -8.16
C TYR B 83 -21.27 18.24 -9.03
N PRO B 84 -22.25 18.48 -9.99
CA PRO B 84 -22.79 17.39 -10.82
C PRO B 84 -21.71 16.69 -11.65
N LEU B 85 -21.75 15.37 -11.68
CA LEU B 85 -20.71 14.59 -12.34
C LEU B 85 -20.83 14.60 -13.86
N GLN B 86 -21.99 14.98 -14.40
CA GLN B 86 -22.22 14.85 -15.84
C GLN B 86 -21.81 16.09 -16.62
N GLU B 87 -21.23 17.10 -15.98
CA GLU B 87 -20.74 18.28 -16.67
C GLU B 87 -19.23 18.45 -16.55
N ILE B 88 -18.51 17.34 -16.37
CA ILE B 88 -17.06 17.35 -16.23
C ILE B 88 -16.46 16.47 -17.32
N GLN B 89 -15.51 17.03 -18.07
CA GLN B 89 -14.86 16.30 -19.15
C GLN B 89 -13.46 15.80 -18.81
N ASN B 90 -12.72 16.50 -17.95
CA ASN B 90 -11.45 15.99 -17.46
C ASN B 90 -11.75 14.73 -16.65
N LEU B 91 -10.99 13.67 -16.92
CA LEU B 91 -11.25 12.39 -16.26
C LEU B 91 -10.61 12.31 -14.87
N THR B 92 -9.49 13.01 -14.67
CA THR B 92 -8.83 12.99 -13.37
C THR B 92 -9.77 13.66 -12.38
N VAL B 93 -10.38 14.78 -12.78
CA VAL B 93 -11.34 15.46 -11.92
C VAL B 93 -12.54 14.60 -11.58
N LYS B 94 -13.08 13.89 -12.57
CA LYS B 94 -14.20 13.00 -12.31
C LYS B 94 -13.82 11.85 -11.38
N LEU B 95 -12.62 11.31 -11.55
CA LEU B 95 -12.18 10.20 -10.71
C LEU B 95 -12.09 10.71 -9.28
N GLN B 96 -11.50 11.89 -9.08
CA GLN B 96 -11.35 12.43 -7.73
C GLN B 96 -12.73 12.70 -7.11
N LEU B 97 -13.61 13.37 -7.86
CA LEU B 97 -14.94 13.67 -7.34
C LEU B 97 -15.72 12.40 -7.05
N GLN B 98 -15.65 11.40 -7.92
CA GLN B 98 -16.37 10.15 -7.68
C GLN B 98 -15.85 9.44 -6.44
N ALA B 99 -14.53 9.47 -6.24
CA ALA B 99 -13.97 8.88 -5.03
C ALA B 99 -14.40 9.65 -3.79
N LEU B 100 -14.63 10.95 -3.93
CA LEU B 100 -15.00 11.77 -2.78
C LEU B 100 -16.52 11.86 -2.56
N GLN B 101 -17.33 11.54 -3.56
CA GLN B 101 -18.77 11.73 -3.47
C GLN B 101 -19.53 10.51 -2.97
N GLN B 102 -18.84 9.42 -2.65
CA GLN B 102 -19.52 8.22 -2.22
C GLN B 102 -20.29 8.49 -0.93
N ASN B 103 -21.55 8.12 -0.87
CA ASN B 103 -22.36 8.47 0.30
C ASN B 103 -22.07 7.69 1.57
N GLY B 104 -21.49 6.51 1.48
CA GLY B 104 -21.19 5.79 2.70
C GLY B 104 -22.45 5.24 3.32
N SER B 105 -22.38 4.97 4.62
CA SER B 105 -23.52 4.44 5.36
C SER B 105 -24.40 5.53 5.95
N SER B 106 -24.12 6.80 5.65
CA SER B 106 -24.88 7.90 6.24
C SER B 106 -26.29 8.01 5.67
N VAL B 107 -26.59 7.33 4.56
CA VAL B 107 -27.90 7.43 3.95
C VAL B 107 -28.96 6.78 4.82
N LEU B 108 -28.60 5.79 5.61
CA LEU B 108 -29.56 5.15 6.49
C LEU B 108 -29.97 6.09 7.62
N SER B 109 -31.16 5.84 8.16
CA SER B 109 -31.61 6.62 9.31
C SER B 109 -30.69 6.37 10.51
N GLU B 110 -30.78 7.29 11.48
CA GLU B 110 -29.86 7.23 12.61
C GLU B 110 -30.02 5.94 13.41
N ASP B 111 -31.26 5.52 13.65
CA ASP B 111 -31.48 4.32 14.44
C ASP B 111 -30.88 3.09 13.76
N LYS B 112 -31.08 2.96 12.45
CA LYS B 112 -30.55 1.80 11.74
C LYS B 112 -29.03 1.81 11.70
N SER B 113 -28.43 2.99 11.53
CA SER B 113 -26.97 3.08 11.55
C SER B 113 -26.42 2.67 12.91
N LYS B 114 -27.05 3.14 13.98
CA LYS B 114 -26.60 2.75 15.32
C LYS B 114 -26.74 1.25 15.53
N ARG B 115 -27.85 0.68 15.08
CA ARG B 115 -28.05 -0.77 15.20
C ARG B 115 -26.97 -1.54 14.44
N LEU B 116 -26.65 -1.09 13.23
CA LEU B 116 -25.63 -1.77 12.43
C LEU B 116 -24.26 -1.69 13.10
N ASN B 117 -23.90 -0.52 13.64
CA ASN B 117 -22.62 -0.41 14.33
C ASN B 117 -22.58 -1.31 15.55
N THR B 118 -23.67 -1.37 16.31
CA THR B 118 -23.72 -2.26 17.48
C THR B 118 -23.54 -3.72 17.06
N ILE B 119 -24.20 -4.12 15.97
CA ILE B 119 -24.09 -5.50 15.51
C ILE B 119 -22.64 -5.82 15.14
N LEU B 120 -22.00 -4.91 14.40
CA LEU B 120 -20.63 -5.16 13.97
C LEU B 120 -19.69 -5.27 15.17
N ASN B 121 -19.81 -4.35 16.13
CA ASN B 121 -18.95 -4.40 17.30
C ASN B 121 -19.17 -5.67 18.10
N THR B 122 -20.43 -6.08 18.29
CA THR B 122 -20.71 -7.29 19.04
C THR B 122 -20.10 -8.52 18.36
N MET B 123 -20.26 -8.63 17.03
CA MET B 123 -19.72 -9.79 16.33
C MET B 123 -18.20 -9.83 16.43
N SER B 124 -17.54 -8.68 16.25
CA SER B 124 -16.08 -8.64 16.37
C SER B 124 -15.64 -9.07 17.75
N THR B 125 -16.31 -8.57 18.79
CA THR B 125 -15.91 -8.90 20.15
C THR B 125 -16.09 -10.39 20.43
N ILE B 126 -17.23 -10.97 20.03
CA ILE B 126 -17.47 -12.37 20.36
C ILE B 126 -16.48 -13.26 19.61
N TYR B 127 -16.15 -12.89 18.37
CA TYR B 127 -15.12 -13.67 17.68
C TYR B 127 -13.78 -13.57 18.39
N SER B 128 -13.42 -12.38 18.88
CA SER B 128 -12.10 -12.17 19.46
C SER B 128 -11.99 -12.67 20.90
N THR B 129 -13.09 -13.02 21.55
CA THR B 129 -13.03 -13.42 22.95
C THR B 129 -13.55 -14.82 23.23
N GLY B 130 -13.94 -15.57 22.20
CA GLY B 130 -14.52 -16.89 22.42
C GLY B 130 -13.48 -17.87 22.94
N LYS B 131 -13.97 -18.85 23.69
CA LYS B 131 -13.13 -19.90 24.24
C LYS B 131 -13.97 -21.16 24.43
N VAL B 132 -13.29 -22.30 24.50
CA VAL B 132 -13.93 -23.59 24.71
C VAL B 132 -13.06 -24.40 25.69
N CYS B 133 -13.67 -25.40 26.32
CA CYS B 133 -12.89 -26.33 27.14
C CYS B 133 -13.65 -27.65 27.22
N ASN B 134 -12.86 -28.72 27.29
CA ASN B 134 -13.38 -30.08 27.27
C ASN B 134 -14.05 -30.40 28.59
N PRO B 135 -15.05 -31.29 28.59
CA PRO B 135 -15.69 -31.69 29.84
C PRO B 135 -14.77 -32.35 30.87
N ASP B 136 -15.18 -32.21 32.13
CA ASP B 136 -14.45 -32.64 33.33
C ASP B 136 -13.24 -31.76 33.63
N ASN B 137 -13.01 -30.71 32.84
CA ASN B 137 -11.97 -29.73 33.09
C ASN B 137 -12.54 -28.33 32.90
N PRO B 138 -13.39 -27.88 33.84
CA PRO B 138 -13.99 -26.55 33.70
C PRO B 138 -12.98 -25.42 33.84
N GLN B 139 -11.77 -25.69 34.32
CA GLN B 139 -10.79 -24.64 34.60
C GLN B 139 -9.94 -24.35 33.36
N GLU B 140 -9.39 -25.38 32.74
CA GLU B 140 -8.47 -25.21 31.61
C GLU B 140 -9.27 -25.05 30.33
N CYS B 141 -9.50 -23.80 29.94
CA CYS B 141 -10.20 -23.48 28.71
C CYS B 141 -9.25 -22.77 27.75
N LEU B 142 -9.25 -23.22 26.50
CA LEU B 142 -8.33 -22.73 25.49
C LEU B 142 -9.01 -21.71 24.58
N LEU B 143 -8.27 -20.67 24.23
CA LEU B 143 -8.75 -19.70 23.25
C LEU B 143 -8.34 -20.15 21.86
N LEU B 144 -8.74 -19.40 20.83
CA LEU B 144 -8.33 -19.73 19.46
C LEU B 144 -6.82 -19.59 19.29
N GLU B 145 -6.23 -18.55 19.88
CA GLU B 145 -4.81 -18.29 19.78
C GLU B 145 -4.23 -18.19 21.18
N PRO B 146 -3.20 -18.99 21.50
CA PRO B 146 -2.51 -19.97 20.65
C PRO B 146 -2.85 -21.42 20.99
N GLY B 147 -4.04 -21.70 21.50
CA GLY B 147 -4.35 -23.06 21.92
C GLY B 147 -4.91 -23.95 20.83
N LEU B 148 -5.97 -23.48 20.16
CA LEU B 148 -6.62 -24.28 19.14
C LEU B 148 -5.74 -24.43 17.90
N ASN B 149 -5.01 -23.36 17.54
CA ASN B 149 -4.17 -23.41 16.35
C ASN B 149 -3.05 -24.43 16.52
N GLU B 150 -2.47 -24.52 17.72
CA GLU B 150 -1.39 -25.47 17.94
C GLU B 150 -1.85 -26.91 17.72
N ILE B 151 -2.98 -27.29 18.30
CA ILE B 151 -3.47 -28.66 18.14
C ILE B 151 -3.91 -28.89 16.70
N MET B 152 -4.50 -27.89 16.07
CA MET B 152 -4.94 -28.06 14.69
C MET B 152 -3.74 -28.26 13.76
N ALA B 153 -2.64 -27.55 14.00
CA ALA B 153 -1.50 -27.57 13.10
C ALA B 153 -0.45 -28.60 13.45
N ASN B 154 -0.53 -29.25 14.61
CA ASN B 154 0.54 -30.17 15.00
C ASN B 154 0.04 -31.56 15.36
N SER B 155 -1.16 -31.70 15.91
CA SER B 155 -1.61 -32.97 16.43
C SER B 155 -1.80 -34.00 15.33
N LEU B 156 -1.66 -35.28 15.69
CA LEU B 156 -1.82 -36.38 14.77
C LEU B 156 -2.93 -37.34 15.19
N ASP B 157 -3.71 -36.97 16.19
CA ASP B 157 -4.79 -37.81 16.69
C ASP B 157 -6.11 -37.41 16.05
N TYR B 158 -6.91 -38.40 15.65
CA TYR B 158 -8.18 -38.15 15.00
C TYR B 158 -9.18 -37.48 15.96
N ASN B 159 -9.32 -38.05 17.16
CA ASN B 159 -10.38 -37.62 18.06
C ASN B 159 -10.16 -36.21 18.58
N GLU B 160 -8.90 -35.86 18.90
CA GLU B 160 -8.63 -34.51 19.38
C GLU B 160 -8.95 -33.48 18.30
N ARG B 161 -8.57 -33.76 17.06
CA ARG B 161 -8.85 -32.83 15.97
C ARG B 161 -10.35 -32.66 15.78
N LEU B 162 -11.10 -33.77 15.81
CA LEU B 162 -12.55 -33.69 15.66
C LEU B 162 -13.16 -32.90 16.80
N TRP B 163 -12.71 -33.13 18.03
CA TRP B 163 -13.25 -32.41 19.18
C TRP B 163 -13.01 -30.92 19.04
N ALA B 164 -11.79 -30.54 18.68
CA ALA B 164 -11.49 -29.12 18.53
C ALA B 164 -12.36 -28.48 17.46
N TRP B 165 -12.46 -29.14 16.30
CA TRP B 165 -13.24 -28.59 15.19
C TRP B 165 -14.69 -28.37 15.59
N GLU B 166 -15.33 -29.42 16.11
CA GLU B 166 -16.75 -29.32 16.43
C GLU B 166 -17.00 -28.37 17.59
N SER B 167 -16.12 -28.38 18.60
CA SER B 167 -16.31 -27.50 19.74
C SER B 167 -16.21 -26.03 19.34
N TRP B 168 -15.26 -25.70 18.47
CA TRP B 168 -15.16 -24.31 18.03
C TRP B 168 -16.33 -23.93 17.15
N ARG B 169 -16.83 -24.87 16.33
CA ARG B 169 -17.92 -24.52 15.45
C ARG B 169 -19.29 -24.67 16.10
N SER B 170 -19.36 -25.08 17.36
CA SER B 170 -20.63 -25.25 18.05
C SER B 170 -20.81 -24.31 19.24
N GLU B 171 -19.76 -23.61 19.67
CA GLU B 171 -19.88 -22.65 20.76
C GLU B 171 -19.69 -21.21 20.33
N VAL B 172 -19.25 -20.97 19.10
CA VAL B 172 -19.07 -19.63 18.58
C VAL B 172 -20.00 -19.35 17.40
N GLY B 173 -20.20 -20.34 16.54
CA GLY B 173 -21.08 -20.13 15.38
C GLY B 173 -22.52 -19.91 15.75
N LYS B 174 -23.02 -20.64 16.76
CA LYS B 174 -24.43 -20.55 17.11
C LYS B 174 -24.82 -19.14 17.53
N GLN B 175 -23.97 -18.48 18.31
CA GLN B 175 -24.24 -17.11 18.73
C GLN B 175 -24.13 -16.11 17.60
N LEU B 176 -23.59 -16.50 16.46
CA LEU B 176 -23.46 -15.60 15.31
C LEU B 176 -24.56 -15.75 14.29
N ARG B 177 -25.29 -16.87 14.29
CA ARG B 177 -26.29 -17.10 13.25
C ARG B 177 -27.42 -16.08 13.27
N PRO B 178 -28.05 -15.77 14.41
CA PRO B 178 -29.10 -14.73 14.35
C PRO B 178 -28.58 -13.36 13.96
N LEU B 179 -27.53 -12.88 14.64
CA LEU B 179 -27.00 -11.55 14.36
C LEU B 179 -26.68 -11.39 12.88
N TYR B 180 -25.90 -12.33 12.32
CA TYR B 180 -25.52 -12.25 10.92
C TYR B 180 -26.74 -12.05 10.04
N GLU B 181 -27.83 -12.75 10.35
CA GLU B 181 -29.06 -12.59 9.60
C GLU B 181 -29.42 -11.11 9.47
N GLU B 182 -29.66 -10.45 10.60
CA GLU B 182 -30.00 -9.02 10.57
C GLU B 182 -28.97 -8.25 9.77
N TYR B 183 -27.69 -8.58 9.98
CA TYR B 183 -26.62 -7.86 9.30
C TYR B 183 -26.86 -7.82 7.81
N VAL B 184 -27.13 -8.99 7.21
CA VAL B 184 -27.32 -9.04 5.76
C VAL B 184 -28.38 -8.03 5.34
N VAL B 185 -29.55 -8.09 5.99
CA VAL B 185 -30.66 -7.24 5.58
C VAL B 185 -30.22 -5.79 5.60
N LEU B 186 -29.62 -5.36 6.71
CA LEU B 186 -29.27 -3.95 6.83
C LEU B 186 -28.35 -3.54 5.70
N LYS B 187 -27.30 -4.33 5.45
CA LYS B 187 -26.35 -3.95 4.42
C LYS B 187 -27.05 -3.83 3.08
N ASN B 188 -27.95 -4.76 2.78
CA ASN B 188 -28.65 -4.73 1.51
C ASN B 188 -29.34 -3.39 1.32
N GLU B 189 -30.05 -2.92 2.36
CA GLU B 189 -30.76 -1.67 2.24
C GLU B 189 -29.81 -0.53 1.93
N MET B 190 -28.66 -0.48 2.60
CA MET B 190 -27.71 0.58 2.31
C MET B 190 -27.29 0.54 0.86
N ALA B 191 -27.03 -0.66 0.34
CA ALA B 191 -26.64 -0.78 -1.06
C ALA B 191 -27.72 -0.24 -1.97
N ARG B 192 -28.99 -0.53 -1.65
CA ARG B 192 -30.06 -0.12 -2.54
C ARG B 192 -30.29 1.38 -2.45
N ALA B 193 -29.78 2.03 -1.40
CA ALA B 193 -29.84 3.48 -1.35
C ALA B 193 -28.66 4.13 -2.03
N ASN B 194 -27.71 3.32 -2.52
CA ASN B 194 -26.53 3.80 -3.23
C ASN B 194 -26.57 3.44 -4.71
N HIS B 195 -27.76 3.09 -5.20
CA HIS B 195 -27.99 2.77 -6.61
C HIS B 195 -27.18 1.55 -7.02
N TYR B 196 -27.28 0.49 -6.21
CA TYR B 196 -26.63 -0.79 -6.48
C TYR B 196 -27.67 -1.89 -6.37
N GLU B 197 -27.37 -3.03 -7.01
CA GLU B 197 -28.29 -4.16 -6.97
C GLU B 197 -28.32 -4.80 -5.59
N ASP B 198 -27.15 -4.97 -4.98
CA ASP B 198 -27.02 -5.59 -3.66
C ASP B 198 -25.62 -5.27 -3.14
N TYR B 199 -25.31 -5.81 -1.97
CA TYR B 199 -24.00 -5.58 -1.37
C TYR B 199 -22.89 -6.22 -2.19
N GLY B 200 -23.17 -7.36 -2.82
CA GLY B 200 -22.16 -7.98 -3.68
C GLY B 200 -21.76 -7.10 -4.84
N ASP B 201 -22.73 -6.40 -5.43
CA ASP B 201 -22.41 -5.44 -6.48
C ASP B 201 -21.54 -4.31 -5.94
N TYR B 202 -21.83 -3.86 -4.72
CA TYR B 202 -21.02 -2.82 -4.10
C TYR B 202 -19.57 -3.27 -3.95
N TRP B 203 -19.38 -4.52 -3.51
CA TRP B 203 -18.01 -5.03 -3.39
C TRP B 203 -17.35 -5.16 -4.75
N ARG B 204 -18.10 -5.64 -5.75
CA ARG B 204 -17.53 -5.84 -7.08
C ARG B 204 -17.22 -4.53 -7.79
N GLY B 205 -17.82 -3.43 -7.35
CA GLY B 205 -17.66 -2.15 -8.04
C GLY B 205 -16.24 -1.61 -8.04
N ASP B 206 -15.35 -2.18 -7.24
CA ASP B 206 -13.96 -1.72 -7.24
C ASP B 206 -13.32 -1.98 -8.61
N TYR B 207 -13.64 -3.08 -9.25
CA TYR B 207 -13.06 -3.46 -10.53
C TYR B 207 -13.70 -2.77 -11.72
N GLU B 208 -14.72 -1.95 -11.49
CA GLU B 208 -15.44 -1.33 -12.60
C GLU B 208 -14.70 -0.13 -13.15
N VAL B 209 -14.57 -0.06 -14.47
CA VAL B 209 -14.05 1.12 -15.15
C VAL B 209 -14.96 1.42 -16.34
N ASN B 210 -15.39 2.67 -16.45
CA ASN B 210 -16.22 3.08 -17.57
C ASN B 210 -15.84 4.50 -17.99
N GLY B 211 -16.17 4.84 -19.23
CA GLY B 211 -15.86 6.13 -19.77
C GLY B 211 -14.66 6.21 -20.70
N VAL B 212 -13.86 5.15 -20.79
CA VAL B 212 -12.70 5.10 -21.67
C VAL B 212 -12.95 4.08 -22.76
N ASP B 213 -12.70 4.48 -24.00
CA ASP B 213 -12.99 3.63 -25.15
C ASP B 213 -11.93 2.53 -25.24
N GLY B 214 -12.37 1.29 -25.39
CA GLY B 214 -11.48 0.16 -25.56
C GLY B 214 -10.91 -0.43 -24.29
N TYR B 215 -11.25 0.12 -23.12
CA TYR B 215 -10.69 -0.32 -21.85
C TYR B 215 -11.77 -0.41 -20.79
N ASP B 216 -12.97 -0.84 -21.18
CA ASP B 216 -14.11 -0.83 -20.29
C ASP B 216 -14.30 -2.20 -19.62
N TYR B 217 -14.85 -2.16 -18.41
CA TYR B 217 -15.10 -3.36 -17.62
C TYR B 217 -16.40 -3.17 -16.85
N SER B 218 -17.30 -4.13 -17.00
CA SER B 218 -18.59 -4.11 -16.33
C SER B 218 -18.50 -4.80 -14.98
N ARG B 219 -19.38 -4.39 -14.06
CA ARG B 219 -19.39 -4.97 -12.72
C ARG B 219 -19.71 -6.45 -12.76
N GLY B 220 -20.66 -6.86 -13.59
CA GLY B 220 -21.03 -8.25 -13.68
C GLY B 220 -20.13 -9.12 -14.52
N GLN B 221 -19.25 -8.51 -15.31
CA GLN B 221 -18.30 -9.29 -16.12
C GLN B 221 -17.34 -10.09 -15.26
N LEU B 222 -16.85 -9.50 -14.17
CA LEU B 222 -15.80 -10.12 -13.38
C LEU B 222 -16.16 -11.56 -13.02
N ILE B 223 -17.40 -11.77 -12.56
CA ILE B 223 -17.87 -13.11 -12.23
C ILE B 223 -17.51 -14.08 -13.34
N GLU B 224 -17.99 -13.81 -14.56
CA GLU B 224 -17.74 -14.70 -15.68
C GLU B 224 -16.27 -15.06 -15.82
N ASP B 225 -15.40 -14.06 -15.85
CA ASP B 225 -13.98 -14.32 -16.04
C ASP B 225 -13.44 -15.25 -14.97
N VAL B 226 -13.83 -15.01 -13.71
CA VAL B 226 -13.33 -15.85 -12.63
C VAL B 226 -13.67 -17.29 -12.97
N GLU B 227 -14.94 -17.54 -13.32
CA GLU B 227 -15.33 -18.92 -13.64
C GLU B 227 -14.45 -19.48 -14.74
N HIS B 228 -14.25 -18.71 -15.81
CA HIS B 228 -13.46 -19.19 -16.92
C HIS B 228 -12.08 -19.62 -16.45
N THR B 229 -11.43 -18.76 -15.64
CA THR B 229 -10.09 -19.09 -15.18
C THR B 229 -10.10 -20.38 -14.38
N PHE B 230 -11.08 -20.55 -13.51
CA PHE B 230 -11.12 -21.75 -12.68
C PHE B 230 -11.26 -22.99 -13.55
N GLU B 231 -11.94 -22.87 -14.69
CA GLU B 231 -12.15 -24.03 -15.54
C GLU B 231 -10.83 -24.58 -16.07
N GLU B 232 -9.79 -23.74 -16.10
CA GLU B 232 -8.51 -24.20 -16.59
C GLU B 232 -7.58 -24.67 -15.47
N ILE B 233 -8.00 -24.54 -14.21
CA ILE B 233 -7.14 -24.95 -13.10
C ILE B 233 -7.55 -26.32 -12.59
N LYS B 234 -8.79 -26.72 -12.86
CA LYS B 234 -9.35 -27.97 -12.35
C LYS B 234 -8.51 -29.21 -12.63
N PRO B 235 -7.92 -29.42 -13.81
CA PRO B 235 -7.09 -30.61 -13.99
C PRO B 235 -5.92 -30.70 -13.01
N LEU B 236 -5.03 -29.71 -13.01
CA LEU B 236 -3.85 -29.77 -12.16
C LEU B 236 -4.24 -30.00 -10.70
N TYR B 237 -5.12 -29.15 -10.17
CA TYR B 237 -5.57 -29.31 -8.79
C TYR B 237 -6.03 -30.73 -8.55
N GLU B 238 -6.85 -31.27 -9.46
CA GLU B 238 -7.36 -32.62 -9.27
C GLU B 238 -6.23 -33.59 -9.01
N HIS B 239 -5.20 -33.58 -9.85
CA HIS B 239 -4.08 -34.49 -9.65
C HIS B 239 -3.47 -34.30 -8.27
N LEU B 240 -3.17 -33.05 -7.91
CA LEU B 240 -2.61 -32.79 -6.59
C LEU B 240 -3.49 -33.39 -5.51
N HIS B 241 -4.80 -33.16 -5.62
CA HIS B 241 -5.72 -33.71 -4.63
C HIS B 241 -5.50 -35.20 -4.47
N ALA B 242 -5.53 -35.93 -5.59
CA ALA B 242 -5.33 -37.38 -5.52
C ALA B 242 -4.05 -37.72 -4.78
N TYR B 243 -2.95 -37.06 -5.14
CA TYR B 243 -1.67 -37.36 -4.50
C TYR B 243 -1.79 -37.26 -3.00
N VAL B 244 -2.32 -36.13 -2.51
CA VAL B 244 -2.40 -35.93 -1.07
C VAL B 244 -3.18 -37.06 -0.44
N ARG B 245 -4.30 -37.42 -1.04
CA ARG B 245 -5.15 -38.46 -0.46
C ARG B 245 -4.35 -39.73 -0.22
N ALA B 246 -3.57 -40.16 -1.22
CA ALA B 246 -2.81 -41.38 -1.06
C ALA B 246 -1.93 -41.33 0.17
N LYS B 247 -1.18 -40.23 0.33
CA LYS B 247 -0.29 -40.12 1.49
C LYS B 247 -1.08 -40.16 2.78
N LEU B 248 -2.23 -39.49 2.81
CA LEU B 248 -3.02 -39.46 4.03
C LEU B 248 -3.53 -40.85 4.37
N MET B 249 -3.74 -41.69 3.36
CA MET B 249 -4.22 -43.05 3.64
C MET B 249 -3.18 -43.82 4.45
N ASN B 250 -1.91 -43.44 4.35
CA ASN B 250 -0.90 -44.05 5.19
C ASN B 250 -0.94 -43.50 6.62
N ALA B 251 -1.26 -42.21 6.77
CA ALA B 251 -1.27 -41.61 8.10
C ALA B 251 -2.46 -42.09 8.92
N TYR B 252 -3.64 -42.14 8.31
CA TYR B 252 -4.86 -42.58 8.97
C TYR B 252 -5.38 -43.80 8.24
N PRO B 253 -4.97 -45.01 8.65
CA PRO B 253 -5.19 -46.19 7.78
C PRO B 253 -6.64 -46.53 7.52
N SER B 254 -7.54 -46.30 8.47
CA SER B 254 -8.92 -46.76 8.35
C SER B 254 -9.90 -45.61 8.53
N TYR B 255 -9.62 -44.47 7.89
CA TYR B 255 -10.49 -43.31 8.02
C TYR B 255 -10.78 -42.59 6.70
N ILE B 256 -10.01 -42.82 5.65
CA ILE B 256 -10.17 -42.12 4.38
C ILE B 256 -10.50 -43.14 3.30
N SER B 257 -11.60 -42.92 2.60
CA SER B 257 -11.97 -43.78 1.49
C SER B 257 -11.03 -43.56 0.31
N PRO B 258 -10.70 -44.61 -0.44
CA PRO B 258 -9.85 -44.43 -1.62
C PRO B 258 -10.58 -43.78 -2.79
N ILE B 259 -11.88 -43.55 -2.66
CA ILE B 259 -12.70 -43.01 -3.74
C ILE B 259 -13.19 -41.60 -3.47
N GLY B 260 -13.63 -41.31 -2.24
CA GLY B 260 -14.32 -40.07 -1.94
C GLY B 260 -13.39 -38.92 -1.60
N CYS B 261 -13.98 -37.92 -0.93
CA CYS B 261 -13.33 -36.67 -0.63
C CYS B 261 -12.49 -36.78 0.64
N LEU B 262 -11.87 -35.65 1.03
CA LEU B 262 -11.03 -35.55 2.21
C LEU B 262 -11.83 -34.98 3.38
N PRO B 263 -11.74 -35.56 4.56
CA PRO B 263 -12.40 -34.96 5.73
C PRO B 263 -11.85 -33.58 6.05
N ALA B 264 -12.71 -32.72 6.57
CA ALA B 264 -12.36 -31.32 6.75
C ALA B 264 -11.40 -31.08 7.90
N HIS B 265 -11.39 -31.93 8.92
CA HIS B 265 -10.59 -31.71 10.11
C HIS B 265 -9.19 -32.32 10.01
N LEU B 266 -8.69 -32.55 8.80
CA LEU B 266 -7.37 -33.13 8.60
C LEU B 266 -6.58 -32.38 7.55
N LEU B 267 -6.78 -31.07 7.43
CA LEU B 267 -6.23 -30.27 6.34
C LEU B 267 -5.34 -29.16 6.85
N GLY B 268 -4.56 -29.43 7.90
CA GLY B 268 -3.55 -28.49 8.34
C GLY B 268 -4.05 -27.42 9.29
N ASP B 269 -4.74 -26.41 8.76
CA ASP B 269 -5.26 -25.32 9.57
C ASP B 269 -6.69 -25.62 9.98
N MET B 270 -7.33 -24.66 10.65
CA MET B 270 -8.66 -24.91 11.20
C MET B 270 -9.71 -25.01 10.10
N TRP B 271 -9.63 -24.14 9.09
CA TRP B 271 -10.67 -24.05 8.07
C TRP B 271 -10.27 -24.71 6.76
N GLY B 272 -9.02 -25.13 6.61
CA GLY B 272 -8.59 -25.67 5.33
C GLY B 272 -8.18 -24.63 4.32
N ARG B 273 -7.79 -23.44 4.78
CA ARG B 273 -7.42 -22.37 3.86
C ARG B 273 -6.10 -22.66 3.16
N PHE B 274 -5.10 -23.13 3.91
CA PHE B 274 -3.81 -23.49 3.36
C PHE B 274 -3.51 -24.95 3.71
N TRP B 275 -2.68 -25.58 2.88
CA TRP B 275 -2.27 -26.96 3.10
C TRP B 275 -0.80 -27.06 3.50
N THR B 276 -0.23 -25.98 4.03
CA THR B 276 1.20 -25.95 4.31
C THR B 276 1.61 -27.00 5.32
N ASN B 277 0.84 -27.12 6.41
CA ASN B 277 1.24 -27.97 7.52
C ASN B 277 1.25 -29.45 7.16
N LEU B 278 0.69 -29.84 6.02
CA LEU B 278 0.76 -31.22 5.57
C LEU B 278 2.10 -31.57 4.96
N TYR B 279 3.01 -30.60 4.80
CA TYR B 279 4.25 -30.86 4.06
C TYR B 279 5.05 -31.99 4.67
N SER B 280 5.09 -32.06 6.01
CA SER B 280 5.86 -33.11 6.66
C SER B 280 5.34 -34.50 6.35
N LEU B 281 4.08 -34.63 5.96
CA LEU B 281 3.48 -35.92 5.68
C LEU B 281 3.47 -36.27 4.20
N THR B 282 3.94 -35.38 3.33
CA THR B 282 3.78 -35.55 1.89
C THR B 282 5.08 -35.23 1.13
N VAL B 283 6.22 -35.39 1.77
CA VAL B 283 7.50 -35.09 1.14
C VAL B 283 7.79 -36.15 0.09
N PRO B 284 8.13 -35.76 -1.14
CA PRO B 284 8.52 -36.78 -2.14
C PRO B 284 9.79 -37.53 -1.76
N PHE B 285 10.85 -36.82 -1.43
CA PHE B 285 12.14 -37.41 -1.09
C PHE B 285 12.59 -36.82 0.24
N GLY B 286 12.29 -37.52 1.33
CA GLY B 286 12.60 -37.00 2.65
C GLY B 286 14.05 -37.07 3.05
N GLN B 287 14.88 -37.80 2.31
CA GLN B 287 16.30 -37.93 2.63
C GLN B 287 17.11 -36.71 2.22
N LYS B 288 16.57 -35.86 1.34
CA LYS B 288 17.25 -34.65 0.92
C LYS B 288 16.72 -33.46 1.70
N PRO B 289 17.55 -32.79 2.50
CA PRO B 289 17.08 -31.63 3.25
C PRO B 289 16.78 -30.46 2.32
N ASN B 290 15.86 -29.61 2.77
CA ASN B 290 15.50 -28.42 2.02
C ASN B 290 16.65 -27.41 2.06
N ILE B 291 16.51 -26.32 1.31
CA ILE B 291 17.54 -25.28 1.26
C ILE B 291 17.29 -24.39 2.47
N ASP B 292 18.35 -24.15 3.23
CA ASP B 292 18.29 -23.33 4.44
C ASP B 292 19.65 -22.67 4.62
N VAL B 293 19.65 -21.38 4.91
CA VAL B 293 20.88 -20.61 4.88
C VAL B 293 21.06 -19.86 6.20
N THR B 294 20.26 -20.22 7.20
CA THR B 294 20.34 -19.56 8.50
C THR B 294 21.71 -19.76 9.15
N ASP B 295 22.26 -20.98 9.05
CA ASP B 295 23.53 -21.27 9.71
C ASP B 295 24.66 -20.41 9.15
N ALA B 296 24.72 -20.28 7.83
CA ALA B 296 25.73 -19.40 7.23
C ALA B 296 25.52 -17.95 7.65
N MET B 297 24.27 -17.53 7.80
CA MET B 297 23.99 -16.18 8.27
C MET B 297 24.55 -15.96 9.67
N VAL B 298 24.35 -16.95 10.55
CA VAL B 298 24.84 -16.83 11.92
C VAL B 298 26.36 -16.87 11.95
N ASP B 299 26.97 -17.67 11.08
CA ASP B 299 28.42 -17.82 11.10
C ASP B 299 29.13 -16.52 10.75
N GLN B 300 28.69 -15.84 9.70
CA GLN B 300 29.38 -14.66 9.18
C GLN B 300 29.03 -13.38 9.94
N ALA B 301 28.32 -13.48 11.06
CA ALA B 301 27.99 -12.33 11.92
C ALA B 301 27.21 -11.27 11.15
N TRP B 302 25.99 -11.66 10.77
CA TRP B 302 25.06 -10.80 10.07
C TRP B 302 24.06 -10.22 11.06
N ASP B 303 23.72 -8.95 10.89
CA ASP B 303 22.71 -8.27 11.69
C ASP B 303 21.57 -7.80 10.79
N ALA B 304 20.60 -7.11 11.38
CA ALA B 304 19.45 -6.64 10.63
C ALA B 304 19.84 -5.58 9.60
N GLN B 305 20.76 -4.69 9.98
CA GLN B 305 21.16 -3.62 9.08
C GLN B 305 21.81 -4.18 7.82
N ARG B 306 22.59 -5.25 7.97
CA ARG B 306 23.16 -5.93 6.80
C ARG B 306 22.07 -6.48 5.89
N ILE B 307 21.03 -7.07 6.47
CA ILE B 307 19.93 -7.61 5.68
C ILE B 307 19.28 -6.52 4.85
N PHE B 308 18.99 -5.38 5.49
CA PHE B 308 18.31 -4.33 4.75
C PHE B 308 19.22 -3.68 3.72
N LYS B 309 20.53 -3.60 4.01
CA LYS B 309 21.46 -3.09 3.01
C LYS B 309 21.51 -4.01 1.79
N GLU B 310 21.48 -5.33 2.02
CA GLU B 310 21.47 -6.26 0.89
C GLU B 310 20.20 -6.10 0.06
N ALA B 311 19.05 -5.93 0.72
CA ALA B 311 17.82 -5.71 -0.02
C ALA B 311 17.89 -4.43 -0.85
N GLU B 312 18.45 -3.36 -0.27
CA GLU B 312 18.58 -2.11 -1.00
C GLU B 312 19.48 -2.27 -2.22
N LYS B 313 20.58 -3.01 -2.06
CA LYS B 313 21.47 -3.26 -3.20
C LYS B 313 20.74 -4.03 -4.30
N PHE B 314 19.96 -5.04 -3.92
CA PHE B 314 19.22 -5.81 -4.91
C PHE B 314 18.26 -4.92 -5.68
N PHE B 315 17.56 -4.03 -4.99
CA PHE B 315 16.65 -3.14 -5.69
C PHE B 315 17.39 -2.13 -6.56
N VAL B 316 18.58 -1.70 -6.14
CA VAL B 316 19.35 -0.75 -6.94
C VAL B 316 19.80 -1.40 -8.24
N SER B 317 20.14 -2.70 -8.20
CA SER B 317 20.74 -3.33 -9.37
C SER B 317 19.82 -3.33 -10.59
N VAL B 318 18.52 -3.12 -10.40
CA VAL B 318 17.58 -3.13 -11.53
C VAL B 318 17.13 -1.73 -11.94
N GLY B 319 17.71 -0.68 -11.37
CA GLY B 319 17.46 0.68 -11.81
C GLY B 319 16.63 1.54 -10.89
N LEU B 320 15.89 0.93 -9.97
CA LEU B 320 15.02 1.71 -9.09
C LEU B 320 15.84 2.45 -8.04
N PRO B 321 15.29 3.56 -7.43
CA PRO B 321 16.18 4.32 -6.54
C PRO B 321 16.56 3.77 -5.17
N ASN B 322 17.35 4.54 -4.42
CA ASN B 322 17.75 4.14 -3.08
C ASN B 322 16.78 4.58 -2.05
N MET B 323 17.18 4.43 -0.80
CA MET B 323 16.34 4.93 0.26
C MET B 323 16.88 6.25 0.77
N THR B 324 16.01 7.15 1.17
CA THR B 324 16.35 8.46 1.71
C THR B 324 16.87 8.31 3.14
N GLN B 325 17.44 9.40 3.67
CA GLN B 325 18.04 9.34 4.99
C GLN B 325 17.01 9.12 6.08
N GLY B 326 15.77 9.56 5.85
CA GLY B 326 14.73 9.37 6.83
C GLY B 326 14.45 7.91 7.10
N PHE B 327 14.55 7.07 6.07
CA PHE B 327 14.31 5.65 6.25
C PHE B 327 15.32 5.04 7.23
N TRP B 328 16.59 5.43 7.11
CA TRP B 328 17.59 4.87 8.00
C TRP B 328 17.50 5.48 9.39
N GLU B 329 17.18 6.78 9.47
CA GLU B 329 17.17 7.45 10.77
C GLU B 329 15.97 7.05 11.62
N ASN B 330 14.79 6.96 11.01
CA ASN B 330 13.56 6.88 11.79
C ASN B 330 12.97 5.48 11.89
N SER B 331 13.37 4.55 11.03
CA SER B 331 12.76 3.23 11.06
C SER B 331 13.27 2.43 12.28
N MET B 332 12.42 1.54 12.76
CA MET B 332 12.72 0.65 13.87
C MET B 332 12.88 -0.76 13.32
N LEU B 333 14.12 -1.19 13.15
CA LEU B 333 14.41 -2.48 12.56
C LEU B 333 14.69 -3.57 13.59
N THR B 334 14.78 -3.23 14.87
CA THR B 334 15.08 -4.21 15.91
C THR B 334 14.06 -4.08 17.03
N ASP B 335 13.89 -5.15 17.79
CA ASP B 335 13.03 -5.11 18.96
C ASP B 335 13.60 -4.15 19.99
N PRO B 336 12.81 -3.20 20.51
CA PRO B 336 13.35 -2.30 21.54
C PRO B 336 13.68 -3.03 22.83
N GLY B 337 12.94 -4.08 23.17
CA GLY B 337 13.22 -4.84 24.36
C GLY B 337 12.98 -4.03 25.62
N ASN B 338 13.65 -4.45 26.69
CA ASN B 338 13.67 -3.83 28.02
C ASN B 338 12.24 -3.42 28.40
N VAL B 339 11.99 -2.18 28.82
CA VAL B 339 10.68 -1.80 29.33
C VAL B 339 9.68 -1.64 28.19
N GLN B 340 10.13 -1.09 27.06
CA GLN B 340 9.22 -0.75 25.98
C GLN B 340 8.55 -1.99 25.39
N LYS B 341 7.30 -1.82 24.98
CA LYS B 341 6.54 -2.86 24.30
C LYS B 341 6.00 -2.30 23.00
N ALA B 342 6.21 -3.03 21.91
CA ALA B 342 5.71 -2.61 20.60
C ALA B 342 5.20 -3.83 19.85
N VAL B 343 4.29 -3.60 18.92
CA VAL B 343 3.77 -4.68 18.09
C VAL B 343 4.82 -5.09 17.07
N CYS B 344 4.89 -6.39 16.79
CA CYS B 344 5.95 -6.94 15.95
C CYS B 344 5.43 -7.45 14.60
N HIS B 345 4.24 -7.04 14.19
CA HIS B 345 3.76 -7.39 12.86
C HIS B 345 4.49 -6.54 11.83
N PRO B 346 5.13 -7.13 10.83
CA PRO B 346 5.90 -6.34 9.86
C PRO B 346 4.99 -5.51 8.97
N THR B 347 5.24 -4.20 8.94
CA THR B 347 4.42 -3.29 8.15
C THR B 347 5.32 -2.24 7.51
N ALA B 348 4.82 -1.64 6.42
CA ALA B 348 5.48 -0.53 5.75
C ALA B 348 4.57 0.69 5.81
N TRP B 349 5.10 1.80 6.32
CA TRP B 349 4.33 3.01 6.54
C TRP B 349 4.70 4.07 5.51
N ASP B 350 3.69 4.73 4.95
CA ASP B 350 3.83 5.89 4.07
C ASP B 350 3.10 7.01 4.78
N LEU B 351 3.82 7.77 5.60
CA LEU B 351 3.15 8.79 6.41
C LEU B 351 2.77 10.02 5.58
N GLY B 352 3.27 10.11 4.36
CA GLY B 352 3.07 11.27 3.53
C GLY B 352 4.14 12.32 3.76
N LYS B 353 4.15 13.29 2.86
CA LYS B 353 5.08 14.40 2.91
C LYS B 353 6.53 13.91 2.86
N GLY B 354 6.76 12.85 2.09
CA GLY B 354 8.10 12.32 1.93
C GLY B 354 8.64 11.53 3.10
N ASP B 355 7.77 10.85 3.84
CA ASP B 355 8.18 10.07 5.00
C ASP B 355 7.78 8.62 4.79
N PHE B 356 8.78 7.75 4.65
CA PHE B 356 8.58 6.31 4.46
C PHE B 356 9.33 5.56 5.56
N ARG B 357 8.69 4.56 6.14
CA ARG B 357 9.28 3.81 7.24
C ARG B 357 8.92 2.34 7.13
N ILE B 358 9.70 1.50 7.81
CA ILE B 358 9.43 0.07 7.90
C ILE B 358 9.50 -0.33 9.36
N LEU B 359 8.50 -1.04 9.85
CA LEU B 359 8.44 -1.51 11.23
C LEU B 359 8.41 -3.02 11.24
N MET B 360 9.47 -3.64 11.75
CA MET B 360 9.51 -5.08 11.92
C MET B 360 10.58 -5.44 12.93
N CYS B 361 10.31 -6.50 13.70
CA CYS B 361 11.20 -6.99 14.74
C CYS B 361 12.09 -8.06 14.10
N THR B 362 13.21 -7.61 13.53
CA THR B 362 14.02 -8.49 12.71
C THR B 362 14.80 -9.48 13.55
N LYS B 363 14.95 -10.70 13.03
CA LYS B 363 15.78 -11.73 13.62
C LYS B 363 16.58 -12.39 12.51
N VAL B 364 17.71 -12.99 12.88
CA VAL B 364 18.61 -13.57 11.89
C VAL B 364 18.07 -14.91 11.43
N THR B 365 17.32 -14.91 10.32
CA THR B 365 16.75 -16.11 9.75
C THR B 365 16.47 -15.86 8.28
N MET B 366 16.30 -16.95 7.52
CA MET B 366 15.99 -16.81 6.10
C MET B 366 14.62 -16.16 5.88
N ASP B 367 13.65 -16.48 6.74
CA ASP B 367 12.31 -15.93 6.59
C ASP B 367 12.31 -14.41 6.69
N ASP B 368 13.06 -13.87 7.66
CA ASP B 368 13.18 -12.42 7.76
C ASP B 368 13.90 -11.84 6.56
N PHE B 369 14.87 -12.58 6.01
CA PHE B 369 15.58 -12.14 4.82
C PHE B 369 14.61 -11.96 3.65
N LEU B 370 13.65 -12.88 3.50
CA LEU B 370 12.67 -12.73 2.42
C LEU B 370 11.64 -11.65 2.73
N THR B 371 11.17 -11.59 3.98
CA THR B 371 10.17 -10.61 4.36
C THR B 371 10.68 -9.18 4.21
N ALA B 372 11.99 -8.97 4.42
CA ALA B 372 12.55 -7.64 4.20
C ALA B 372 12.40 -7.22 2.75
N HIS B 373 12.65 -8.14 1.82
CA HIS B 373 12.46 -7.83 0.40
C HIS B 373 10.99 -7.53 0.10
N HIS B 374 10.08 -8.31 0.69
CA HIS B 374 8.65 -8.05 0.50
C HIS B 374 8.28 -6.64 0.94
N GLU B 375 8.65 -6.26 2.15
CA GLU B 375 8.31 -4.94 2.67
C GLU B 375 8.98 -3.83 1.88
N MET B 376 10.22 -4.04 1.44
CA MET B 376 10.90 -3.02 0.66
C MET B 376 10.26 -2.84 -0.71
N GLY B 377 9.72 -3.92 -1.29
CA GLY B 377 8.95 -3.77 -2.52
C GLY B 377 7.70 -2.93 -2.29
N HIS B 378 7.02 -3.17 -1.18
CA HIS B 378 5.90 -2.31 -0.79
C HIS B 378 6.34 -0.84 -0.77
N ILE B 379 7.47 -0.56 -0.14
CA ILE B 379 7.93 0.82 0.00
C ILE B 379 8.30 1.42 -1.35
N GLN B 380 8.92 0.63 -2.23
CA GLN B 380 9.27 1.12 -3.56
C GLN B 380 8.03 1.49 -4.35
N TYR B 381 7.00 0.63 -4.33
CA TYR B 381 5.75 0.98 -4.98
C TYR B 381 5.16 2.26 -4.41
N ASP B 382 5.17 2.39 -3.08
CA ASP B 382 4.61 3.58 -2.47
C ASP B 382 5.41 4.83 -2.82
N MET B 383 6.71 4.65 -3.08
CA MET B 383 7.59 5.74 -3.45
C MET B 383 7.42 6.16 -4.90
N ALA B 384 7.00 5.24 -5.77
CA ALA B 384 6.94 5.55 -7.20
C ALA B 384 5.92 6.64 -7.51
N TYR B 385 4.72 6.57 -6.93
CA TYR B 385 3.62 7.43 -7.31
C TYR B 385 3.41 8.60 -6.35
N ALA B 386 4.49 9.15 -5.79
CA ALA B 386 4.34 10.24 -4.84
C ALA B 386 3.96 11.56 -5.49
N ALA B 387 4.03 11.67 -6.82
CA ALA B 387 3.71 12.90 -7.51
C ALA B 387 2.24 13.04 -7.87
N GLN B 388 1.45 11.97 -7.75
CA GLN B 388 0.04 12.05 -8.05
C GLN B 388 -0.71 12.77 -6.93
N PRO B 389 -1.91 13.26 -7.20
CA PRO B 389 -2.71 13.90 -6.14
C PRO B 389 -3.05 12.91 -5.03
N PHE B 390 -3.67 13.45 -3.97
CA PHE B 390 -3.83 12.67 -2.75
C PHE B 390 -4.74 11.47 -2.97
N LEU B 391 -5.89 11.67 -3.59
CA LEU B 391 -6.87 10.60 -3.73
C LEU B 391 -6.40 9.48 -4.64
N LEU B 392 -5.41 9.74 -5.50
CA LEU B 392 -4.93 8.76 -6.46
C LEU B 392 -3.62 8.11 -6.02
N ARG B 393 -3.30 8.18 -4.74
CA ARG B 393 -2.08 7.56 -4.20
C ARG B 393 -2.40 6.17 -3.64
N ASN B 394 -2.67 5.26 -4.57
CA ASN B 394 -2.94 3.87 -4.22
C ASN B 394 -2.72 3.02 -5.46
N GLY B 395 -2.86 1.72 -5.29
CA GLY B 395 -2.72 0.81 -6.40
C GLY B 395 -3.87 0.92 -7.38
N ALA B 396 -3.66 0.31 -8.55
CA ALA B 396 -4.70 0.32 -9.57
C ALA B 396 -5.97 -0.38 -9.08
N ASN B 397 -5.81 -1.52 -8.43
CA ASN B 397 -6.90 -2.18 -7.75
C ASN B 397 -6.34 -2.85 -6.50
N GLU B 398 -7.19 -3.61 -5.81
CA GLU B 398 -6.83 -4.17 -4.52
C GLU B 398 -5.94 -5.40 -4.61
N GLY B 399 -5.32 -5.66 -5.76
CA GLY B 399 -4.49 -6.83 -5.90
C GLY B 399 -3.07 -6.56 -6.38
N PHE B 400 -2.84 -5.33 -6.82
CA PHE B 400 -1.57 -4.98 -7.36
C PHE B 400 -0.62 -4.82 -6.20
N HIS B 401 -1.03 -4.16 -5.14
CA HIS B 401 -0.07 -3.86 -4.08
C HIS B 401 0.68 -5.06 -3.58
N GLU B 402 -0.04 -6.07 -3.15
CA GLU B 402 0.61 -7.28 -2.73
C GLU B 402 1.33 -8.10 -3.77
N ALA B 403 0.83 -8.13 -5.00
CA ALA B 403 1.52 -8.82 -6.06
C ALA B 403 2.93 -8.30 -6.23
N VAL B 404 3.11 -6.99 -6.26
CA VAL B 404 4.42 -6.41 -6.44
C VAL B 404 5.29 -6.89 -5.31
N GLY B 405 4.73 -6.96 -4.12
CA GLY B 405 5.51 -7.41 -2.97
C GLY B 405 6.04 -8.83 -3.13
N GLU B 406 5.22 -9.72 -3.68
CA GLU B 406 5.56 -11.14 -3.69
C GLU B 406 6.52 -11.54 -4.80
N ILE B 407 6.48 -10.84 -5.95
CA ILE B 407 7.40 -11.25 -7.02
C ILE B 407 8.86 -11.07 -6.59
N MET B 408 9.15 -10.05 -5.78
CA MET B 408 10.52 -9.83 -5.33
C MET B 408 10.99 -10.97 -4.43
N SER B 409 10.13 -11.41 -3.51
CA SER B 409 10.48 -12.55 -2.66
C SER B 409 10.65 -13.81 -3.48
N LEU B 410 9.83 -13.99 -4.52
CA LEU B 410 10.02 -15.14 -5.41
C LEU B 410 11.39 -15.10 -6.06
N SER B 411 11.81 -13.93 -6.52
CA SER B 411 13.09 -13.83 -7.23
C SER B 411 14.27 -14.00 -6.28
N ALA B 412 14.13 -13.55 -5.03
CA ALA B 412 15.28 -13.50 -4.13
C ALA B 412 15.64 -14.83 -3.49
N ALA B 413 14.79 -15.86 -3.62
CA ALA B 413 15.04 -17.13 -2.96
C ALA B 413 15.70 -18.17 -3.87
N THR B 414 16.05 -17.80 -5.09
CA THR B 414 16.64 -18.76 -6.01
C THR B 414 18.07 -19.09 -5.61
N PRO B 415 18.53 -20.31 -5.90
CA PRO B 415 19.92 -20.67 -5.57
C PRO B 415 20.95 -19.80 -6.26
N LYS B 416 20.69 -19.31 -7.46
CA LYS B 416 21.63 -18.44 -8.15
C LYS B 416 21.87 -17.16 -7.35
N HIS B 417 20.81 -16.52 -6.89
CA HIS B 417 20.96 -15.28 -6.13
C HIS B 417 21.63 -15.54 -4.80
N LEU B 418 21.30 -16.67 -4.15
CA LEU B 418 21.95 -17.01 -2.89
C LEU B 418 23.44 -17.20 -3.02
N LYS B 419 23.89 -17.86 -4.09
CA LYS B 419 25.31 -18.02 -4.36
C LYS B 419 25.99 -16.71 -4.74
N SER B 420 25.28 -15.82 -5.44
CA SER B 420 25.87 -14.59 -5.91
C SER B 420 26.27 -13.67 -4.76
N ILE B 421 25.53 -13.69 -3.65
CA ILE B 421 25.81 -12.83 -2.52
C ILE B 421 26.68 -13.52 -1.48
N GLY B 422 27.38 -14.58 -1.87
CA GLY B 422 28.32 -15.24 -0.97
C GLY B 422 27.67 -15.88 0.24
N LEU B 423 26.53 -16.54 0.04
CA LEU B 423 25.82 -17.15 1.14
C LEU B 423 25.61 -18.64 0.97
N LEU B 424 25.92 -19.20 -0.20
CA LEU B 424 25.91 -20.63 -0.45
C LEU B 424 27.23 -21.04 -1.08
N SER B 425 27.65 -22.26 -0.79
CA SER B 425 28.94 -22.73 -1.29
C SER B 425 28.90 -22.87 -2.81
N PRO B 426 29.95 -22.44 -3.50
CA PRO B 426 29.98 -22.62 -4.96
C PRO B 426 29.97 -24.08 -5.38
N ASP B 427 30.41 -25.00 -4.52
CA ASP B 427 30.40 -26.41 -4.86
C ASP B 427 29.01 -27.00 -4.90
N PHE B 428 28.00 -26.27 -4.42
CA PHE B 428 26.65 -26.81 -4.31
C PHE B 428 26.05 -26.98 -5.70
N GLN B 429 25.61 -28.21 -6.02
CA GLN B 429 25.00 -28.52 -7.30
C GLN B 429 23.59 -29.03 -7.08
N GLU B 430 22.65 -28.49 -7.84
CA GLU B 430 21.24 -28.82 -7.66
C GLU B 430 20.89 -30.10 -8.42
N ASP B 431 20.08 -30.95 -7.79
CA ASP B 431 19.51 -32.13 -8.41
C ASP B 431 18.00 -31.98 -8.48
N ASN B 432 17.40 -32.68 -9.44
CA ASN B 432 15.99 -32.45 -9.74
C ASN B 432 15.07 -32.79 -8.57
N GLU B 433 15.55 -33.62 -7.64
CA GLU B 433 14.76 -33.96 -6.47
C GLU B 433 14.48 -32.73 -5.61
N THR B 434 15.50 -31.89 -5.41
CA THR B 434 15.30 -30.69 -4.61
C THR B 434 14.34 -29.72 -5.28
N GLU B 435 14.42 -29.58 -6.60
CA GLU B 435 13.47 -28.74 -7.32
C GLU B 435 12.05 -29.28 -7.19
N ILE B 436 11.88 -30.60 -7.28
CA ILE B 436 10.54 -31.17 -7.11
C ILE B 436 10.01 -30.87 -5.70
N ASN B 437 10.86 -31.03 -4.69
CA ASN B 437 10.44 -30.75 -3.32
C ASN B 437 10.03 -29.29 -3.15
N PHE B 438 10.84 -28.37 -3.67
CA PHE B 438 10.51 -26.95 -3.58
C PHE B 438 9.21 -26.63 -4.30
N LEU B 439 9.02 -27.21 -5.48
CA LEU B 439 7.80 -26.95 -6.23
C LEU B 439 6.58 -27.47 -5.49
N LEU B 440 6.68 -28.64 -4.87
CA LEU B 440 5.55 -29.17 -4.11
C LEU B 440 5.24 -28.28 -2.90
N LYS B 441 6.27 -27.80 -2.22
CA LYS B 441 6.03 -26.92 -1.08
C LYS B 441 5.34 -25.64 -1.52
N GLN B 442 5.77 -25.06 -2.63
CA GLN B 442 5.11 -23.85 -3.12
C GLN B 442 3.68 -24.13 -3.58
N ALA B 443 3.46 -25.29 -4.19
CA ALA B 443 2.13 -25.65 -4.66
C ALA B 443 1.15 -25.80 -3.51
N LEU B 444 1.57 -26.45 -2.43
CA LEU B 444 0.68 -26.67 -1.29
C LEU B 444 0.20 -25.37 -0.66
N THR B 445 0.87 -24.26 -0.92
CA THR B 445 0.45 -22.95 -0.42
C THR B 445 -0.26 -22.10 -1.47
N ILE B 446 0.11 -22.23 -2.74
CA ILE B 446 -0.50 -21.37 -3.76
C ILE B 446 -1.72 -22.04 -4.37
N VAL B 447 -1.55 -23.26 -4.90
CA VAL B 447 -2.63 -23.90 -5.66
C VAL B 447 -3.78 -24.29 -4.74
N GLY B 448 -3.47 -24.75 -3.54
CA GLY B 448 -4.48 -25.30 -2.66
C GLY B 448 -5.40 -24.30 -2.00
N THR B 449 -5.23 -23.00 -2.25
CA THR B 449 -6.08 -21.99 -1.66
C THR B 449 -7.08 -21.36 -2.62
N LEU B 450 -6.89 -21.53 -3.93
CA LEU B 450 -7.78 -20.89 -4.89
C LEU B 450 -9.21 -21.42 -4.83
N PRO B 451 -9.46 -22.75 -4.85
CA PRO B 451 -10.86 -23.20 -4.79
C PRO B 451 -11.59 -22.77 -3.54
N PHE B 452 -10.90 -22.74 -2.41
CA PHE B 452 -11.52 -22.30 -1.16
C PHE B 452 -12.01 -20.85 -1.29
N THR B 453 -11.14 -19.98 -1.81
CA THR B 453 -11.51 -18.57 -1.98
C THR B 453 -12.68 -18.43 -2.94
N TYR B 454 -12.62 -19.14 -4.07
CA TYR B 454 -13.68 -19.02 -5.07
C TYR B 454 -15.01 -19.48 -4.51
N MET B 455 -15.01 -20.60 -3.79
CA MET B 455 -16.27 -21.12 -3.24
C MET B 455 -16.85 -20.19 -2.19
N LEU B 456 -16.00 -19.66 -1.31
CA LEU B 456 -16.49 -18.74 -0.29
C LEU B 456 -17.10 -17.49 -0.91
N GLU B 457 -16.42 -16.90 -1.88
CA GLU B 457 -16.94 -15.68 -2.49
C GLU B 457 -18.22 -15.95 -3.27
N LYS B 458 -18.30 -17.10 -3.94
CA LYS B 458 -19.51 -17.43 -4.68
C LYS B 458 -20.69 -17.61 -3.73
N TRP B 459 -20.48 -18.28 -2.60
CA TRP B 459 -21.56 -18.46 -1.63
C TRP B 459 -22.03 -17.12 -1.08
N ARG B 460 -21.09 -16.23 -0.76
CA ARG B 460 -21.48 -14.93 -0.23
C ARG B 460 -22.24 -14.11 -1.26
N TRP B 461 -21.78 -14.12 -2.52
CA TRP B 461 -22.46 -13.40 -3.57
C TRP B 461 -23.89 -13.91 -3.73
N MET B 462 -24.07 -15.23 -3.72
CA MET B 462 -25.39 -15.79 -3.95
C MET B 462 -26.32 -15.63 -2.76
N VAL B 463 -25.81 -15.59 -1.53
CA VAL B 463 -26.70 -15.32 -0.41
C VAL B 463 -27.11 -13.85 -0.41
N PHE B 464 -26.21 -12.94 -0.75
CA PHE B 464 -26.59 -11.55 -0.85
C PHE B 464 -27.59 -11.31 -1.95
N LYS B 465 -27.42 -11.99 -3.09
CA LYS B 465 -28.30 -11.77 -4.24
C LYS B 465 -29.73 -12.20 -3.97
N GLY B 466 -29.92 -13.17 -3.08
CA GLY B 466 -31.23 -13.71 -2.81
C GLY B 466 -31.53 -15.05 -3.45
N GLU B 467 -30.54 -15.68 -4.09
CA GLU B 467 -30.80 -16.98 -4.72
C GLU B 467 -30.96 -18.09 -3.70
N ILE B 468 -30.24 -18.02 -2.59
CA ILE B 468 -30.31 -19.06 -1.54
C ILE B 468 -31.24 -18.56 -0.45
N PRO B 469 -32.38 -19.28 -0.18
CA PRO B 469 -33.18 -18.76 0.94
C PRO B 469 -32.54 -19.04 2.28
N LYS B 470 -33.01 -18.39 3.34
CA LYS B 470 -32.41 -18.54 4.66
C LYS B 470 -32.42 -19.95 5.21
N ASP B 471 -33.49 -20.68 4.98
CA ASP B 471 -33.59 -22.05 5.47
C ASP B 471 -32.68 -23.03 4.76
N GLN B 472 -32.12 -22.61 3.64
CA GLN B 472 -31.27 -23.50 2.87
C GLN B 472 -29.82 -23.01 2.81
N TRP B 473 -29.38 -22.21 3.78
CA TRP B 473 -28.01 -21.69 3.77
C TRP B 473 -26.99 -22.81 3.93
N MET B 474 -27.01 -23.47 5.10
CA MET B 474 -26.00 -24.46 5.39
C MET B 474 -26.07 -25.63 4.40
N LYS B 475 -27.28 -25.99 3.98
CA LYS B 475 -27.42 -27.08 3.03
C LYS B 475 -26.70 -26.78 1.73
N LYS B 476 -26.62 -25.51 1.36
CA LYS B 476 -25.84 -25.15 0.18
C LYS B 476 -24.35 -25.16 0.48
N TRP B 477 -23.97 -24.72 1.69
CA TRP B 477 -22.56 -24.52 2.00
C TRP B 477 -21.79 -25.82 1.91
N TRP B 478 -22.38 -26.91 2.37
CA TRP B 478 -21.70 -28.19 2.30
C TRP B 478 -21.96 -28.92 0.99
N GLU B 479 -22.81 -28.39 0.12
CA GLU B 479 -22.93 -28.94 -1.23
C GLU B 479 -21.79 -28.48 -2.10
N MET B 480 -21.52 -27.17 -2.11
CA MET B 480 -20.43 -26.63 -2.89
C MET B 480 -19.08 -27.17 -2.43
N LYS B 481 -18.89 -27.28 -1.12
CA LYS B 481 -17.66 -27.90 -0.61
C LYS B 481 -17.40 -29.29 -1.17
N ARG B 482 -18.47 -30.04 -1.46
CA ARG B 482 -18.30 -31.39 -1.98
C ARG B 482 -18.23 -31.41 -3.51
N GLU B 483 -18.42 -30.26 -4.14
CA GLU B 483 -18.49 -30.21 -5.60
C GLU B 483 -17.27 -29.47 -6.15
N ILE B 484 -16.86 -28.39 -5.51
CA ILE B 484 -15.72 -27.62 -5.98
C ILE B 484 -14.45 -28.00 -5.23
N VAL B 485 -14.46 -27.87 -3.91
CA VAL B 485 -13.25 -28.07 -3.14
C VAL B 485 -12.98 -29.56 -2.88
N GLY B 486 -14.03 -30.38 -2.86
CA GLY B 486 -13.88 -31.78 -2.56
C GLY B 486 -13.52 -32.08 -1.11
N VAL B 487 -14.21 -31.43 -0.18
CA VAL B 487 -13.99 -31.59 1.24
C VAL B 487 -15.34 -31.90 1.89
N VAL B 488 -15.36 -32.94 2.73
CA VAL B 488 -16.59 -33.42 3.32
C VAL B 488 -16.59 -33.13 4.82
N GLU B 489 -17.80 -33.06 5.38
CA GLU B 489 -18.02 -32.80 6.80
C GLU B 489 -17.88 -34.09 7.60
N PRO B 490 -17.37 -34.05 8.81
CA PRO B 490 -17.27 -35.26 9.62
C PRO B 490 -18.52 -35.54 10.46
N VAL B 491 -19.31 -34.51 10.72
CA VAL B 491 -20.52 -34.62 11.52
C VAL B 491 -21.64 -33.86 10.82
N PRO B 492 -22.83 -34.42 10.68
CA PRO B 492 -23.92 -33.68 10.00
C PRO B 492 -24.26 -32.40 10.73
N HIS B 493 -24.57 -31.36 9.97
CA HIS B 493 -24.84 -30.04 10.52
C HIS B 493 -26.28 -29.64 10.23
N ASP B 494 -26.97 -29.20 11.27
CA ASP B 494 -28.34 -28.73 11.17
C ASP B 494 -28.35 -27.28 10.70
N GLU B 495 -29.54 -26.68 10.68
CA GLU B 495 -29.69 -25.32 10.18
C GLU B 495 -29.27 -24.27 11.20
N THR B 496 -29.17 -24.64 12.48
CA THR B 496 -28.84 -23.65 13.50
C THR B 496 -27.39 -23.19 13.47
N TYR B 497 -26.53 -23.89 12.72
CA TYR B 497 -25.11 -23.54 12.69
C TYR B 497 -24.85 -22.41 11.71
N CYS B 498 -23.70 -21.75 11.90
CA CYS B 498 -23.28 -20.62 11.08
C CYS B 498 -21.81 -20.76 10.69
N ASP B 499 -21.45 -21.90 10.13
CA ASP B 499 -20.04 -22.25 9.92
C ASP B 499 -19.23 -21.18 9.17
N PRO B 500 -19.68 -20.60 8.06
CA PRO B 500 -18.84 -19.60 7.38
C PRO B 500 -18.50 -18.40 8.24
N ALA B 501 -19.32 -18.08 9.24
CA ALA B 501 -19.02 -16.96 10.12
C ALA B 501 -17.86 -17.24 11.06
N SER B 502 -17.37 -18.47 11.11
CA SER B 502 -16.26 -18.80 12.00
C SER B 502 -14.90 -18.25 11.57
N LEU B 503 -14.78 -17.71 10.37
CA LEU B 503 -13.52 -17.15 9.91
C LEU B 503 -13.48 -15.66 10.23
N PHE B 504 -12.26 -15.12 10.28
CA PHE B 504 -12.07 -13.71 10.59
C PHE B 504 -12.68 -12.76 9.58
N HIS B 505 -12.41 -13.00 8.28
CA HIS B 505 -12.79 -12.05 7.25
C HIS B 505 -14.30 -11.94 7.12
N VAL B 506 -15.02 -13.06 7.21
CA VAL B 506 -16.46 -13.03 7.06
C VAL B 506 -17.11 -12.30 8.22
N SER B 507 -16.61 -12.52 9.43
CA SER B 507 -17.19 -11.95 10.64
C SER B 507 -16.72 -10.54 10.93
N ASN B 508 -15.72 -10.03 10.21
CA ASN B 508 -15.26 -8.66 10.39
C ASN B 508 -15.43 -7.82 9.13
N ASP B 509 -16.28 -8.23 8.19
CA ASP B 509 -16.65 -7.43 7.02
C ASP B 509 -15.43 -7.07 6.17
N TYR B 510 -14.83 -8.10 5.58
CA TYR B 510 -13.73 -7.92 4.64
C TYR B 510 -14.01 -8.70 3.36
N SER B 511 -13.72 -8.09 2.22
CA SER B 511 -13.86 -8.79 0.95
C SER B 511 -12.79 -9.86 0.82
N PHE B 512 -13.08 -10.88 0.01
CA PHE B 512 -12.24 -12.07 -0.04
C PHE B 512 -11.80 -12.45 -1.45
N ILE B 513 -11.98 -11.58 -2.44
CA ILE B 513 -11.64 -11.94 -3.81
C ILE B 513 -10.24 -11.40 -4.14
N ARG B 514 -9.68 -10.54 -3.28
CA ARG B 514 -8.36 -10.00 -3.57
C ARG B 514 -7.29 -11.10 -3.67
N TYR B 515 -7.43 -12.15 -2.86
CA TYR B 515 -6.45 -13.23 -2.85
C TYR B 515 -6.39 -14.13 -4.08
N TYR B 516 -7.35 -14.00 -5.00
CA TYR B 516 -7.37 -14.79 -6.23
C TYR B 516 -6.73 -14.01 -7.37
N THR B 517 -7.19 -12.77 -7.55
CA THR B 517 -6.63 -11.90 -8.59
C THR B 517 -5.19 -11.63 -8.22
N ARG B 518 -4.89 -11.48 -6.92
CA ARG B 518 -3.50 -11.31 -6.50
C ARG B 518 -2.61 -12.44 -7.00
N THR B 519 -3.04 -13.68 -6.73
CA THR B 519 -2.30 -14.85 -7.17
C THR B 519 -2.09 -14.97 -8.67
N LEU B 520 -3.10 -14.65 -9.47
CA LEU B 520 -2.90 -14.73 -10.91
C LEU B 520 -1.99 -13.61 -11.42
N TYR B 521 -2.12 -12.41 -10.85
CA TYR B 521 -1.40 -11.26 -11.34
C TYR B 521 0.10 -11.40 -11.11
N GLN B 522 0.50 -11.96 -9.97
CA GLN B 522 1.93 -12.06 -9.68
C GLN B 522 2.66 -12.92 -10.70
N PHE B 523 2.05 -14.05 -11.07
CA PHE B 523 2.66 -14.91 -12.07
C PHE B 523 2.54 -14.34 -13.46
N GLN B 524 1.52 -13.53 -13.73
CA GLN B 524 1.54 -12.79 -15.00
C GLN B 524 2.74 -11.84 -15.06
N PHE B 525 3.01 -11.13 -13.97
CA PHE B 525 4.10 -10.16 -13.97
C PHE B 525 5.45 -10.84 -14.10
N GLN B 526 5.64 -11.95 -13.38
CA GLN B 526 6.96 -12.57 -13.31
C GLN B 526 7.44 -13.04 -14.68
N GLU B 527 6.56 -13.68 -15.44
CA GLU B 527 6.97 -14.20 -16.75
C GLU B 527 7.27 -13.06 -17.72
N ALA B 528 6.48 -12.00 -17.67
CA ALA B 528 6.73 -10.85 -18.53
C ALA B 528 8.07 -10.20 -18.19
N LEU B 529 8.38 -10.09 -16.91
CA LEU B 529 9.66 -9.51 -16.51
C LEU B 529 10.83 -10.40 -16.90
N CYS B 530 10.69 -11.72 -16.75
CA CYS B 530 11.76 -12.63 -17.10
C CYS B 530 11.97 -12.73 -18.60
N GLN B 531 10.93 -12.51 -19.40
CA GLN B 531 11.09 -12.49 -20.85
C GLN B 531 11.99 -11.38 -21.33
N ALA B 532 12.02 -10.25 -20.62
CA ALA B 532 12.87 -9.12 -20.98
C ALA B 532 14.29 -9.24 -20.45
N ALA B 533 14.54 -10.18 -19.56
CA ALA B 533 15.89 -10.42 -19.04
C ALA B 533 16.62 -11.52 -19.78
N LYS B 534 16.05 -12.00 -20.89
CA LYS B 534 16.66 -13.06 -21.71
C LYS B 534 16.95 -14.31 -20.88
N HIS B 535 15.98 -14.74 -20.08
CA HIS B 535 16.12 -15.96 -19.32
C HIS B 535 15.95 -17.18 -20.21
N GLU B 536 16.75 -18.21 -19.94
CA GLU B 536 16.69 -19.48 -20.65
C GLU B 536 16.48 -20.60 -19.65
N GLY B 537 15.41 -21.37 -19.84
CA GLY B 537 15.12 -22.48 -18.98
C GLY B 537 13.78 -22.35 -18.30
N PRO B 538 13.54 -23.16 -17.27
CA PRO B 538 12.26 -23.10 -16.56
C PRO B 538 12.07 -21.77 -15.85
N LEU B 539 10.81 -21.39 -15.68
CA LEU B 539 10.45 -20.13 -15.08
C LEU B 539 10.63 -20.10 -13.57
N HIS B 540 10.79 -21.25 -12.93
CA HIS B 540 10.92 -21.29 -11.48
C HIS B 540 12.36 -21.08 -11.01
N LYS B 541 13.28 -20.77 -11.92
CA LYS B 541 14.65 -20.43 -11.56
C LYS B 541 15.06 -19.06 -12.05
N CYS B 542 14.11 -18.16 -12.28
CA CYS B 542 14.42 -16.85 -12.85
C CYS B 542 14.82 -15.85 -11.77
N ASP B 543 15.81 -15.03 -12.09
CA ASP B 543 16.17 -13.87 -11.29
C ASP B 543 16.23 -12.65 -12.20
N ILE B 544 15.96 -11.48 -11.63
CA ILE B 544 15.83 -10.27 -12.44
C ILE B 544 16.95 -9.29 -12.09
N SER B 545 17.97 -9.76 -11.37
CA SER B 545 19.12 -8.93 -11.05
C SER B 545 19.94 -8.63 -12.29
N ASN B 546 20.50 -7.43 -12.36
CA ASN B 546 21.23 -6.94 -13.53
C ASN B 546 20.40 -7.03 -14.80
N SER B 547 19.17 -6.51 -14.74
CA SER B 547 18.32 -6.32 -15.91
C SER B 547 17.63 -4.97 -15.75
N THR B 548 18.16 -3.95 -16.43
CA THR B 548 17.56 -2.63 -16.33
C THR B 548 16.28 -2.55 -17.14
N GLU B 549 16.15 -3.37 -18.17
CA GLU B 549 14.93 -3.41 -18.97
C GLU B 549 13.74 -3.84 -18.13
N ALA B 550 13.91 -4.86 -17.30
CA ALA B 550 12.84 -5.31 -16.43
C ALA B 550 12.45 -4.22 -15.45
N GLY B 551 13.43 -3.53 -14.89
CA GLY B 551 13.13 -2.44 -13.98
C GLY B 551 12.36 -1.31 -14.63
N GLN B 552 12.74 -0.95 -15.85
CA GLN B 552 12.02 0.10 -16.56
C GLN B 552 10.58 -0.33 -16.84
N LYS B 553 10.40 -1.59 -17.28
CA LYS B 553 9.07 -2.08 -17.57
C LYS B 553 8.19 -2.08 -16.31
N LEU B 554 8.77 -2.42 -15.16
CA LEU B 554 8.00 -2.40 -13.91
C LEU B 554 7.70 -0.97 -13.48
N PHE B 555 8.67 -0.05 -13.62
CA PHE B 555 8.48 1.33 -13.20
C PHE B 555 7.39 2.00 -14.02
N ASN B 556 7.27 1.65 -15.30
CA ASN B 556 6.23 2.24 -16.13
C ASN B 556 4.85 2.02 -15.53
N MET B 557 4.59 0.82 -15.01
CA MET B 557 3.32 0.56 -14.34
C MET B 557 3.27 1.18 -12.96
N LEU B 558 4.38 1.11 -12.20
CA LEU B 558 4.33 1.57 -10.82
C LEU B 558 4.03 3.06 -10.73
N ARG B 559 4.59 3.85 -11.65
CA ARG B 559 4.46 5.30 -11.56
C ARG B 559 3.01 5.76 -11.72
N LEU B 560 2.19 5.03 -12.47
CA LEU B 560 0.88 5.51 -12.85
C LEU B 560 -0.03 5.72 -11.64
N GLY B 561 -0.05 4.79 -10.71
CA GLY B 561 -0.96 4.92 -9.58
C GLY B 561 -2.36 4.52 -9.99
N LYS B 562 -3.34 5.27 -9.50
CA LYS B 562 -4.75 5.04 -9.82
C LYS B 562 -5.27 6.00 -10.89
N SER B 563 -4.37 6.77 -11.51
CA SER B 563 -4.78 7.78 -12.46
C SER B 563 -5.27 7.21 -13.78
N GLU B 564 -5.11 5.92 -14.01
CA GLU B 564 -5.51 5.27 -15.24
C GLU B 564 -6.26 3.99 -14.92
N PRO B 565 -7.09 3.51 -15.85
CA PRO B 565 -7.77 2.22 -15.63
C PRO B 565 -6.76 1.09 -15.47
N TRP B 566 -7.12 0.11 -14.65
CA TRP B 566 -6.18 -0.96 -14.35
C TRP B 566 -5.90 -1.83 -15.57
N THR B 567 -6.79 -1.84 -16.56
CA THR B 567 -6.52 -2.58 -17.78
C THR B 567 -5.31 -2.02 -18.52
N LEU B 568 -5.23 -0.70 -18.62
CA LEU B 568 -4.05 -0.07 -19.22
C LEU B 568 -2.79 -0.36 -18.42
N ALA B 569 -2.89 -0.34 -17.09
CA ALA B 569 -1.74 -0.62 -16.25
C ALA B 569 -1.23 -2.04 -16.48
N LEU B 570 -2.14 -3.01 -16.57
CA LEU B 570 -1.71 -4.37 -16.87
C LEU B 570 -1.09 -4.47 -18.26
N GLU B 571 -1.72 -3.84 -19.26
CA GLU B 571 -1.20 -3.92 -20.63
C GLU B 571 0.19 -3.31 -20.73
N ASN B 572 0.49 -2.30 -19.92
CA ASN B 572 1.80 -1.68 -19.95
C ASN B 572 2.92 -2.64 -19.54
N VAL B 573 2.59 -3.77 -18.93
CA VAL B 573 3.59 -4.74 -18.48
C VAL B 573 3.49 -6.04 -19.28
N VAL B 574 2.30 -6.64 -19.35
CA VAL B 574 2.18 -7.97 -19.93
C VAL B 574 1.73 -7.96 -21.38
N GLY B 575 1.27 -6.84 -21.91
CA GLY B 575 0.77 -6.81 -23.27
C GLY B 575 -0.62 -7.38 -23.46
N ALA B 576 -1.38 -7.56 -22.39
CA ALA B 576 -2.73 -8.09 -22.47
C ALA B 576 -3.67 -7.22 -21.63
N LYS B 577 -4.94 -7.25 -21.98
CA LYS B 577 -5.94 -6.40 -21.35
C LYS B 577 -6.75 -7.10 -20.27
N ASN B 578 -6.47 -8.37 -19.99
CA ASN B 578 -7.30 -9.15 -19.09
C ASN B 578 -6.44 -10.14 -18.34
N MET B 579 -6.98 -10.65 -17.23
CA MET B 579 -6.26 -11.62 -16.42
C MET B 579 -6.22 -12.97 -17.13
N ASN B 580 -5.10 -13.68 -16.97
CA ASN B 580 -4.89 -14.95 -17.63
C ASN B 580 -4.24 -15.91 -16.65
N VAL B 581 -4.45 -17.21 -16.89
CA VAL B 581 -3.99 -18.24 -15.97
C VAL B 581 -2.90 -19.12 -16.56
N ARG B 582 -2.57 -18.97 -17.83
CA ARG B 582 -1.52 -19.79 -18.44
C ARG B 582 -0.16 -19.69 -17.77
N PRO B 583 0.34 -18.51 -17.36
CA PRO B 583 1.65 -18.48 -16.68
C PRO B 583 1.74 -19.33 -15.44
N LEU B 584 0.66 -19.49 -14.68
CA LEU B 584 0.70 -20.36 -13.50
C LEU B 584 0.98 -21.80 -13.91
N LEU B 585 0.28 -22.29 -14.94
CA LEU B 585 0.53 -23.63 -15.42
C LEU B 585 1.93 -23.79 -15.98
N ASN B 586 2.43 -22.76 -16.68
CA ASN B 586 3.80 -22.81 -17.17
C ASN B 586 4.79 -22.92 -16.01
N TYR B 587 4.52 -22.19 -14.93
CA TYR B 587 5.39 -22.25 -13.75
C TYR B 587 5.38 -23.63 -13.12
N PHE B 588 4.21 -24.27 -13.05
CA PHE B 588 4.08 -25.54 -12.33
C PHE B 588 4.14 -26.76 -13.24
N GLU B 589 4.51 -26.61 -14.50
CA GLU B 589 4.57 -27.73 -15.43
C GLU B 589 5.38 -28.94 -14.95
N PRO B 590 6.61 -28.80 -14.44
CA PRO B 590 7.35 -30.02 -14.04
C PRO B 590 6.65 -30.82 -12.95
N LEU B 591 6.08 -30.15 -11.96
CA LEU B 591 5.32 -30.87 -10.95
C LEU B 591 4.10 -31.54 -11.56
N PHE B 592 3.49 -30.91 -12.57
CA PHE B 592 2.36 -31.52 -13.24
C PHE B 592 2.75 -32.83 -13.89
N THR B 593 3.88 -32.85 -14.62
CA THR B 593 4.26 -34.07 -15.31
C THR B 593 4.69 -35.15 -14.32
N TRP B 594 5.36 -34.74 -13.22
CA TRP B 594 5.73 -35.73 -12.21
C TRP B 594 4.50 -36.35 -11.56
N LEU B 595 3.50 -35.53 -11.22
CA LEU B 595 2.29 -36.05 -10.61
C LEU B 595 1.54 -36.96 -11.57
N LYS B 596 1.51 -36.60 -12.86
CA LYS B 596 0.85 -37.44 -13.84
C LYS B 596 1.54 -38.80 -13.94
N ASP B 597 2.87 -38.81 -13.90
CA ASP B 597 3.59 -40.09 -13.91
C ASP B 597 3.31 -41.01 -12.73
N GLN B 598 3.25 -40.46 -11.52
CA GLN B 598 3.06 -41.29 -10.32
C GLN B 598 1.61 -41.67 -9.98
N ASN B 599 0.65 -40.97 -10.59
CA ASN B 599 -0.76 -41.18 -10.29
C ASN B 599 -1.34 -42.19 -11.26
N LYS B 600 -0.51 -43.06 -11.84
CA LYS B 600 -1.00 -43.99 -12.85
C LYS B 600 -1.88 -45.09 -12.26
N ASN B 601 -1.77 -45.32 -10.95
CA ASN B 601 -2.53 -46.40 -10.31
C ASN B 601 -3.70 -45.87 -9.51
N SER B 602 -3.59 -44.68 -8.91
CA SER B 602 -4.69 -44.13 -8.15
C SER B 602 -5.77 -43.58 -9.10
N PHE B 603 -6.97 -43.40 -8.55
CA PHE B 603 -8.07 -42.80 -9.30
C PHE B 603 -8.07 -41.30 -9.08
N VAL B 604 -8.23 -40.55 -10.16
CA VAL B 604 -8.26 -39.10 -10.11
C VAL B 604 -9.71 -38.64 -10.17
N GLY B 605 -10.11 -37.80 -9.22
CA GLY B 605 -11.47 -37.33 -9.11
C GLY B 605 -12.12 -37.80 -7.81
N TRP B 606 -13.34 -37.33 -7.59
CA TRP B 606 -14.05 -37.64 -6.37
C TRP B 606 -15.54 -37.76 -6.64
N SER B 607 -16.22 -38.50 -5.75
CA SER B 607 -17.66 -38.67 -5.79
C SER B 607 -18.25 -38.11 -4.50
N THR B 608 -19.35 -37.36 -4.64
CA THR B 608 -19.89 -36.63 -3.49
C THR B 608 -20.65 -37.52 -2.52
N ASP B 609 -21.19 -38.64 -3.00
CA ASP B 609 -22.12 -39.44 -2.20
C ASP B 609 -21.50 -40.02 -0.93
N TRP B 610 -20.19 -40.19 -0.87
CA TRP B 610 -19.56 -40.81 0.29
C TRP B 610 -19.42 -39.79 1.41
N SER B 611 -19.72 -40.21 2.64
CA SER B 611 -19.53 -39.40 3.83
C SER B 611 -18.92 -40.28 4.92
N PRO B 612 -18.12 -39.69 5.81
CA PRO B 612 -17.46 -40.51 6.84
C PRO B 612 -18.43 -41.22 7.78
N TYR B 613 -19.58 -40.63 8.06
CA TYR B 613 -20.52 -41.22 9.00
C TYR B 613 -21.59 -42.06 8.31
N ALA B 614 -21.51 -42.24 7.00
CA ALA B 614 -22.48 -43.08 6.28
C ALA B 614 -22.12 -44.55 6.41
C1 NAG C . 25.16 -8.27 -11.08
C2 NAG C . 25.54 -9.57 -10.40
C3 NAG C . 26.70 -9.34 -9.42
C4 NAG C . 27.87 -8.68 -10.12
C5 NAG C . 27.40 -7.40 -10.81
C6 NAG C . 28.48 -6.76 -11.65
C7 NAG C . 24.10 -11.43 -9.73
C8 NAG C . 22.87 -11.84 -8.97
N2 NAG C . 24.40 -10.13 -9.70
O3 NAG C . 27.10 -10.59 -8.87
O4 NAG C . 28.88 -8.35 -9.18
O5 NAG C . 26.32 -7.69 -11.70
O6 NAG C . 28.87 -7.59 -12.73
O7 NAG C . 24.78 -12.25 -10.35
C1 NAG C . 30.05 -9.17 -9.42
C2 NAG C . 31.18 -8.70 -8.51
C3 NAG C . 32.40 -9.59 -8.67
C4 NAG C . 32.03 -11.05 -8.48
C5 NAG C . 30.87 -11.42 -9.41
C6 NAG C . 30.36 -12.82 -9.20
C7 NAG C . 31.99 -6.81 -9.89
C8 NAG C . 32.27 -5.34 -9.92
N2 NAG C . 31.51 -7.29 -8.73
O3 NAG C . 33.39 -9.21 -7.72
O4 NAG C . 33.15 -11.88 -8.79
O5 NAG C . 29.76 -10.54 -9.16
O6 NAG C . 29.05 -12.97 -9.70
O7 NAG C . 32.20 -7.53 -10.87
C1 NAG D . -26.34 10.49 -2.00
C2 NAG D . -26.94 11.70 -1.28
C3 NAG D . -27.85 12.47 -2.22
C4 NAG D . -27.06 12.84 -3.47
C5 NAG D . -26.45 11.61 -4.12
C6 NAG D . -25.54 12.02 -5.27
C7 NAG D . -27.52 11.90 1.07
C8 NAG D . -26.52 11.33 2.03
N2 NAG D . -27.65 11.26 -0.09
O3 NAG D . -28.32 13.67 -1.59
O4 NAG D . -27.93 13.50 -4.40
O5 NAG D . -25.65 10.91 -3.18
O6 NAG D . -24.18 11.99 -4.82
O7 NAG D . -28.17 12.90 1.34
C1 NAG E . 7.61 5.95 25.54
C2 NAG E . 8.76 6.94 25.38
C3 NAG E . 9.14 7.51 26.74
C4 NAG E . 7.92 8.13 27.41
C5 NAG E . 6.79 7.10 27.50
C6 NAG E . 5.51 7.69 28.03
C7 NAG E . 10.57 6.92 23.73
C8 NAG E . 11.73 6.17 23.18
N2 NAG E . 9.90 6.34 24.74
O3 NAG E . 10.15 8.49 26.57
O4 NAG E . 8.25 8.57 28.72
O5 NAG E . 6.50 6.58 26.19
O6 NAG E . 5.72 8.98 28.58
O7 NAG E . 10.25 8.02 23.31
C1 NAG F . -7.18 17.71 -17.30
C2 NAG F . -6.56 17.83 -18.69
C3 NAG F . -5.05 17.69 -18.59
C4 NAG F . -4.48 18.67 -17.57
C5 NAG F . -5.19 18.51 -16.24
C6 NAG F . -4.76 19.53 -15.21
C7 NAG F . -7.29 17.08 -20.90
C8 NAG F . -7.87 15.94 -21.69
N2 NAG F . -7.12 16.85 -19.60
O3 NAG F . -4.46 17.94 -19.87
O4 NAG F . -3.09 18.43 -17.39
O5 NAG F . -6.61 18.68 -16.43
O6 NAG F . -3.36 19.74 -15.26
O7 NAG F . -7.01 18.15 -21.42
ZN ZN G . 2.44 -7.35 1.96
C1 NAG H . 16.03 -36.83 -12.07
C2 NAG H . 14.76 -37.67 -12.20
C3 NAG H . 15.12 -39.15 -12.31
C4 NAG H . 16.11 -39.37 -13.45
C5 NAG H . 17.32 -38.46 -13.28
C6 NAG H . 18.30 -38.55 -14.43
C7 NAG H . 12.55 -37.37 -11.20
C8 NAG H . 11.78 -37.14 -9.92
N2 NAG H . 13.87 -37.44 -11.07
O3 NAG H . 13.94 -39.90 -12.54
O4 NAG H . 16.54 -40.73 -13.47
O5 NAG H . 16.90 -37.10 -13.19
O6 NAG H . 19.22 -37.47 -14.40
O7 NAG H . 11.98 -37.48 -12.28
C1 NAG I . 22.43 4.64 -4.01
C2 NAG I . 22.94 5.67 -5.01
C3 NAG I . 24.39 5.38 -5.41
C4 NAG I . 25.23 5.32 -4.16
C5 NAG I . 24.66 4.30 -3.18
C6 NAG I . 25.48 4.27 -1.90
C7 NAG I . 21.52 4.76 -6.87
C8 NAG I . 20.04 4.92 -7.08
N2 NAG I . 22.10 5.77 -6.20
O3 NAG I . 24.86 6.41 -6.26
O4 NAG I . 26.57 4.94 -4.50
O5 NAG I . 23.30 4.60 -2.88
O6 NAG I . 25.41 5.56 -1.30
O7 NAG I . 22.13 3.80 -7.30
#